data_3AR7
#
_entry.id   3AR7
#
_cell.length_a   71.515
_cell.length_b   71.515
_cell.length_c   586.334
_cell.angle_alpha   90.00
_cell.angle_beta   90.00
_cell.angle_gamma   90.00
#
_symmetry.space_group_name_H-M   'P 41 21 2'
#
loop_
_entity.id
_entity.type
_entity.pdbx_description
1 polymer 'Sarcoplasmic/endoplasmic reticulum calcium ATPase 1'
2 non-polymer 'SODIUM ION'
3 non-polymer 'OCTANOIC ACID [3S-[3ALPHA, 3ABETA, 4ALPHA, 6BETA, 6ABETA, 7BETA, 8ALPHA(Z), 9BALPHA]]-6-(ACETYLOXY)-2,3,-3A,4,5,6,6A,7,8,9B-DECAHYDRO-3,3A-DIHYDROXY-3,6,9-TRIMETHYL-8-[(2-METHYL-1-OXO-2-BUTENYL)OX Y]-2-OXO-4-(1-OXOBUTOXY)-AZULENO[4,5-B]FURAN-7-YL ESTER'
4 non-polymer "SPIRO(2,4,6-TRINITROBENZENE[1,2A]-2O',3O'-METHYLENE-ADENINE-TRIPHOSPHATE"
5 non-polymer PHOSPHATIDYLETHANOLAMINE
6 water water
#
_entity_poly.entity_id   1
_entity_poly.type   'polypeptide(L)'
_entity_poly.pdbx_seq_one_letter_code
;(ACE)MEAAHSKSTEECLAYFGVSETTGLTPDQVKRHLEKYGHNELPAEEGKSLWELVIEQFEDLLVRILLLAACISFVL
AWFEEGEETITAFVEPFVILLILIANAIVGVWQERNAENAIEALKEYEPEMGKVYRADRKSVQRIKARDIVPGDIVEVAV
GDKVPADIRILSIKSTTLRVDQSILTGESVSVIKHTEPVPDPRAVNQDKKNMLFSGTNIAAGKALGIVATTGVSTEIGKI
RDQMAATEQDKTPLQQKLDEFGEQLSKVISLICVAVWLINIGHFNDPVHGGSWIRGAIYYFKIAVALAVAAIPEGLPAVI
TTCLALGTRRMAKKNAIVRSLPSVETLGCTSVICSDKTGTLTTNQMSVCKMFIIDKVDGDFCSLNEFSITGSTYAPEGEV
LKNDKPIRSGQFDGLVELATICALCNDSSLDFNETKGVYEKVGEATETALTTLVEKMNVFNTEVRNLSKVERANACNSVI
RQLMKKEFTLEFSRDRKSMSVYCSPAKSSRAAVGNKMFVKGAPEGVIDRCNYVRVGTTRVPMTGPVKEKILSVIKEWGTG
RDTLRCLALATRDTPPKREEMVLDDSSRFMEYETDLTFVGVVGMLDPPRKEVMGSIQLCRDAGIRVIMITGDNKGTAIAI
CRRIGIFGENEEVADRAYTGREFDDLPLAEQREACRRACCFARVEPSHKSKIVEYLQSYDEITAMTGDGVNDAPALKKAE
IGIAMGSGTAVAKTASEMVLADDNFSTIVAAVEEGRAIYNNMKQFIRYLISSNVGEVVCIFLTAALGLPEALIPVQLLWV
NLVTDGLPATALGFNPPDLDIMDRPPRSPKEPLISGWLFFRYMAIGGYVGAATVGAAAWWFMYAEDGPGVTYHQLTHFMQ
CTEDHPHFEGLDCEIFEAPEPMTMALSVLVTIEMCNALNSLSENQSLMRMPPWVNIWLLGSICLSMSLHFLILYVDPLPM
IFKLKALDLTQWLMVLKISLPVIGLDEILKFIARNYLEG
;
_entity_poly.pdbx_strand_id   A
#
loop_
_chem_comp.id
_chem_comp.type
_chem_comp.name
_chem_comp.formula
128 RNA linking SPIRO(2,4,6-TRINITROBENZENE[1,2A]-2O',3O'-METHYLENE-ADENINE-TRIPHOSPHATE 'C16 H17 N8 O19 P3'
ACE non-polymer 'ACETYL GROUP' 'C2 H4 O'
NA non-polymer 'SODIUM ION' 'Na 1'
PTY non-polymer PHOSPHATIDYLETHANOLAMINE 'C40 H80 N O8 P'
TG1 non-polymer 'OCTANOIC ACID [3S-[3ALPHA, 3ABETA, 4ALPHA, 6BETA, 6ABETA, 7BETA, 8ALPHA(Z), 9BALPHA]]-6-(ACETYLOXY)-2,3,-3A,4,5,6,6A,7,8,9B-DECAHYDRO-3,3A-DIHYDROXY-3,6,9-TRIMETHYL-8-[(2-METHYL-1-OXO-2-BUTENYL)OX Y]-2-OXO-4-(1-OXOBUTOXY)-AZULENO[4,5-B]FURAN-7-YL ESTER' 'C34 H50 O12'
#
# COMPACT_ATOMS: atom_id res chain seq x y z
C ACE A 1 -13.01 -31.40 -9.13
O ACE A 1 -14.22 -31.32 -9.37
CH3 ACE A 1 -12.00 -31.09 -10.20
N MET A 2 -12.51 -31.37 -7.90
CA MET A 2 -13.22 -31.75 -6.70
C MET A 2 -12.89 -30.76 -5.57
N GLU A 3 -13.60 -29.65 -5.56
CA GLU A 3 -13.33 -28.57 -4.61
C GLU A 3 -13.62 -28.94 -3.13
N ALA A 4 -14.50 -29.92 -2.92
CA ALA A 4 -14.87 -30.37 -1.58
C ALA A 4 -14.07 -31.61 -1.12
N ALA A 5 -12.90 -31.80 -1.71
CA ALA A 5 -12.05 -32.96 -1.45
C ALA A 5 -11.76 -33.24 0.03
N HIS A 6 -11.43 -32.19 0.79
CA HIS A 6 -11.11 -32.29 2.22
C HIS A 6 -12.17 -33.03 3.04
N SER A 7 -13.44 -32.89 2.64
CA SER A 7 -14.55 -33.50 3.35
C SER A 7 -14.93 -34.89 2.83
N LYS A 8 -14.28 -35.34 1.76
CA LYS A 8 -14.55 -36.66 1.20
C LYS A 8 -13.54 -37.64 1.75
N SER A 9 -13.92 -38.92 1.85
CA SER A 9 -12.97 -39.94 2.26
C SER A 9 -12.04 -40.18 1.08
N THR A 10 -10.89 -40.79 1.35
CA THR A 10 -9.93 -41.16 0.32
C THR A 10 -10.56 -42.09 -0.73
N GLU A 11 -11.34 -43.06 -0.27
CA GLU A 11 -12.11 -43.95 -1.15
C GLU A 11 -13.05 -43.16 -2.05
N GLU A 12 -13.75 -42.18 -1.48
CA GLU A 12 -14.70 -41.35 -2.25
C GLU A 12 -14.00 -40.47 -3.29
N CYS A 13 -12.79 -40.01 -2.98
CA CYS A 13 -12.03 -39.22 -3.95
C CYS A 13 -11.57 -40.07 -5.14
N LEU A 14 -11.06 -41.26 -4.83
CA LEU A 14 -10.66 -42.23 -5.87
C LEU A 14 -11.82 -42.64 -6.77
N ALA A 15 -13.00 -42.81 -6.18
CA ALA A 15 -14.18 -43.26 -6.93
C ALA A 15 -14.79 -42.16 -7.79
N TYR A 16 -14.69 -40.91 -7.33
CA TYR A 16 -15.21 -39.78 -8.12
C TYR A 16 -14.47 -39.66 -9.45
N PHE A 17 -13.15 -39.80 -9.40
CA PHE A 17 -12.32 -39.72 -10.60
C PHE A 17 -12.19 -41.02 -11.35
N GLY A 18 -12.70 -42.12 -10.77
CA GLY A 18 -12.63 -43.44 -11.37
C GLY A 18 -11.20 -43.91 -11.55
N VAL A 19 -10.39 -43.71 -10.51
CA VAL A 19 -8.96 -43.99 -10.58
C VAL A 19 -8.52 -44.89 -9.42
N SER A 20 -7.53 -45.74 -9.70
CA SER A 20 -6.96 -46.62 -8.70
C SER A 20 -5.69 -46.04 -8.08
N GLU A 21 -5.54 -46.23 -6.77
CA GLU A 21 -4.43 -45.66 -6.01
C GLU A 21 -3.08 -46.27 -6.40
N THR A 22 -3.09 -47.54 -6.81
CA THR A 22 -1.85 -48.26 -7.09
C THR A 22 -1.41 -48.19 -8.55
N THR A 23 -2.31 -47.77 -9.43
CA THR A 23 -1.97 -47.64 -10.85
C THR A 23 -1.99 -46.20 -11.35
N GLY A 24 -3.00 -45.44 -10.93
CA GLY A 24 -3.17 -44.08 -11.44
C GLY A 24 -3.93 -44.06 -12.77
N LEU A 25 -4.00 -42.87 -13.35
CA LEU A 25 -4.83 -42.62 -14.53
C LEU A 25 -4.29 -43.26 -15.81
N THR A 26 -5.21 -43.69 -16.67
CA THR A 26 -4.86 -44.28 -17.96
C THR A 26 -4.62 -43.16 -18.99
N PRO A 27 -3.92 -43.48 -20.10
CA PRO A 27 -3.71 -42.51 -21.17
C PRO A 27 -5.00 -41.86 -21.67
N ASP A 28 -6.06 -42.65 -21.83
CA ASP A 28 -7.38 -42.12 -22.22
C ASP A 28 -7.95 -41.17 -21.16
N GLN A 29 -7.80 -41.54 -19.89
CA GLN A 29 -8.24 -40.72 -18.79
C GLN A 29 -7.50 -39.38 -18.77
N VAL A 30 -6.18 -39.43 -18.97
CA VAL A 30 -5.37 -38.21 -19.03
C VAL A 30 -5.87 -37.27 -20.14
N LYS A 31 -6.06 -37.80 -21.34
CA LYS A 31 -6.56 -37.01 -22.47
C LYS A 31 -7.91 -36.36 -22.16
N ARG A 32 -8.85 -37.15 -21.63
CA ARG A 32 -10.20 -36.67 -21.30
C ARG A 32 -10.23 -35.67 -20.14
N HIS A 33 -9.37 -35.89 -19.14
CA HIS A 33 -9.26 -35.00 -17.99
C HIS A 33 -8.56 -33.68 -18.39
N LEU A 34 -7.68 -33.75 -19.37
CA LEU A 34 -6.98 -32.57 -19.87
C LEU A 34 -7.92 -31.68 -20.67
N GLU A 35 -8.77 -32.31 -21.49
CA GLU A 35 -9.82 -31.59 -22.22
C GLU A 35 -10.82 -30.92 -21.27
N LYS A 36 -11.23 -31.66 -20.24
CA LYS A 36 -12.25 -31.20 -19.31
C LYS A 36 -11.74 -30.06 -18.40
N TYR A 37 -10.56 -30.23 -17.82
CA TYR A 37 -10.05 -29.29 -16.81
C TYR A 37 -8.95 -28.34 -17.30
N GLY A 38 -8.45 -28.55 -18.52
CA GLY A 38 -7.33 -27.74 -19.04
C GLY A 38 -6.01 -28.08 -18.35
N HIS A 39 -4.97 -27.32 -18.69
CA HIS A 39 -3.66 -27.48 -18.06
C HIS A 39 -3.61 -26.91 -16.63
N ASN A 40 -2.66 -27.42 -15.84
CA ASN A 40 -2.47 -27.01 -14.45
C ASN A 40 -1.56 -25.78 -14.36
N GLU A 41 -2.13 -24.62 -14.69
CA GLU A 41 -1.39 -23.38 -14.66
C GLU A 41 -2.33 -22.18 -14.63
N LEU A 42 -1.83 -21.08 -14.06
CA LEU A 42 -2.51 -19.79 -14.07
C LEU A 42 -2.42 -19.22 -15.48
N PRO A 43 -3.51 -18.58 -15.96
CA PRO A 43 -3.53 -18.10 -17.35
C PRO A 43 -2.45 -17.07 -17.64
N ALA A 44 -1.97 -17.06 -18.88
CA ALA A 44 -0.89 -16.18 -19.32
C ALA A 44 -1.22 -14.70 -19.16
N GLU A 45 -0.19 -13.88 -19.00
CA GLU A 45 -0.34 -12.43 -18.84
C GLU A 45 -0.93 -11.77 -20.10
N GLU A 46 -1.59 -10.63 -19.89
CA GLU A 46 -2.12 -9.82 -20.99
C GLU A 46 -1.07 -9.56 -22.06
N GLY A 47 -1.36 -10.00 -23.28
CA GLY A 47 -0.50 -9.76 -24.43
C GLY A 47 -0.48 -8.28 -24.80
N LYS A 48 0.34 -7.51 -24.11
CA LYS A 48 0.47 -6.08 -24.38
C LYS A 48 1.74 -5.81 -25.20
N SER A 49 1.57 -5.63 -26.50
CA SER A 49 2.69 -5.41 -27.41
C SER A 49 3.25 -3.99 -27.32
N LEU A 50 4.48 -3.81 -27.81
CA LEU A 50 5.16 -2.52 -27.82
C LEU A 50 4.39 -1.48 -28.65
N TRP A 51 3.94 -1.88 -29.83
CA TRP A 51 3.18 -1.01 -30.72
C TRP A 51 1.89 -0.51 -30.06
N GLU A 52 1.16 -1.42 -29.41
CA GLU A 52 -0.06 -1.09 -28.69
C GLU A 52 0.23 -0.15 -27.53
N LEU A 53 1.41 -0.30 -26.94
CA LEU A 53 1.84 0.53 -25.84
C LEU A 53 2.19 1.95 -26.28
N VAL A 54 2.83 2.07 -27.45
CA VAL A 54 3.18 3.37 -28.03
C VAL A 54 1.91 4.18 -28.36
N ILE A 55 0.92 3.48 -28.93
CA ILE A 55 -0.37 4.08 -29.27
C ILE A 55 -1.10 4.61 -28.02
N GLU A 56 -1.08 3.83 -26.95
CA GLU A 56 -1.71 4.21 -25.67
C GLU A 56 -1.16 5.52 -25.10
N GLN A 57 0.08 5.86 -25.48
CA GLN A 57 0.70 7.12 -25.05
C GLN A 57 0.09 8.33 -25.77
N PHE A 58 -0.65 8.06 -26.85
CA PHE A 58 -1.34 9.09 -27.61
C PHE A 58 -2.86 9.04 -27.42
N GLU A 59 -3.30 8.52 -26.28
CA GLU A 59 -4.73 8.40 -25.97
C GLU A 59 -5.29 9.59 -25.22
N ASP A 60 -4.47 10.21 -24.37
CA ASP A 60 -4.86 11.38 -23.57
C ASP A 60 -5.39 12.51 -24.45
N LEU A 61 -6.50 13.12 -24.03
CA LEU A 61 -7.16 14.17 -24.79
C LEU A 61 -6.21 15.31 -25.16
N LEU A 62 -5.40 15.75 -24.19
CA LEU A 62 -4.49 16.88 -24.38
C LEU A 62 -3.34 16.58 -25.33
N VAL A 63 -2.84 15.34 -25.28
CA VAL A 63 -1.75 14.95 -26.19
C VAL A 63 -2.26 14.84 -27.64
N ARG A 64 -3.53 14.48 -27.80
CA ARG A 64 -4.19 14.49 -29.11
C ARG A 64 -4.25 15.91 -29.66
N ILE A 65 -4.64 16.87 -28.82
CA ILE A 65 -4.67 18.28 -29.19
C ILE A 65 -3.29 18.75 -29.68
N LEU A 66 -2.25 18.40 -28.93
CA LEU A 66 -0.88 18.78 -29.27
C LEU A 66 -0.36 18.11 -30.54
N LEU A 67 -0.82 16.89 -30.81
CA LEU A 67 -0.46 16.22 -32.06
C LEU A 67 -1.12 16.94 -33.23
N LEU A 68 -2.38 17.31 -33.06
CA LEU A 68 -3.11 18.09 -34.05
C LEU A 68 -2.45 19.45 -34.24
N ALA A 69 -1.99 20.03 -33.14
CA ALA A 69 -1.27 21.29 -33.18
C ALA A 69 0.03 21.14 -33.99
N ALA A 70 0.73 20.04 -33.75
CA ALA A 70 1.96 19.73 -34.47
C ALA A 70 1.71 19.56 -35.97
N CYS A 71 0.61 18.90 -36.32
CA CYS A 71 0.25 18.63 -37.70
C CYS A 71 -0.08 19.90 -38.49
N ILE A 72 -0.86 20.80 -37.88
CA ILE A 72 -1.17 22.10 -38.47
C ILE A 72 0.12 22.92 -38.61
N SER A 73 0.92 22.93 -37.53
CA SER A 73 2.20 23.62 -37.51
C SER A 73 3.17 23.12 -38.60
N PHE A 74 3.13 21.82 -38.87
CA PHE A 74 3.95 21.21 -39.91
C PHE A 74 3.49 21.64 -41.30
N VAL A 75 2.17 21.76 -41.48
CA VAL A 75 1.59 22.19 -42.76
C VAL A 75 1.91 23.66 -43.03
N LEU A 76 1.82 24.48 -41.98
CA LEU A 76 2.14 25.91 -42.09
C LEU A 76 3.62 26.20 -42.33
N ALA A 77 4.47 25.24 -41.96
CA ALA A 77 5.91 25.34 -42.24
C ALA A 77 6.21 24.88 -43.66
N TRP A 78 5.42 23.95 -44.16
CA TRP A 78 5.59 23.38 -45.49
C TRP A 78 5.13 24.35 -46.59
N PHE A 79 4.16 25.20 -46.26
CA PHE A 79 3.64 26.21 -47.18
C PHE A 79 3.75 27.62 -46.58
N GLU A 80 4.99 28.09 -46.40
CA GLU A 80 5.24 29.40 -45.79
C GLU A 80 5.94 30.35 -46.76
N GLU A 81 5.99 31.63 -46.38
CA GLU A 81 6.64 32.67 -47.17
C GLU A 81 8.03 33.00 -46.62
N GLY A 82 9.06 32.71 -47.43
CA GLY A 82 10.45 32.91 -47.04
C GLY A 82 11.38 31.88 -47.66
N GLU A 83 12.64 31.88 -47.23
CA GLU A 83 13.64 30.92 -47.72
C GLU A 83 14.29 30.10 -46.60
N GLU A 84 14.06 30.51 -45.35
CA GLU A 84 14.67 29.86 -44.19
C GLU A 84 13.90 28.61 -43.80
N THR A 85 14.41 27.45 -44.21
CA THR A 85 13.82 26.15 -43.84
C THR A 85 14.34 25.68 -42.47
N ILE A 86 15.50 26.20 -42.09
CA ILE A 86 16.17 25.82 -40.83
C ILE A 86 15.45 26.38 -39.60
N THR A 87 14.69 27.46 -39.78
CA THR A 87 13.95 28.10 -38.68
C THR A 87 12.45 27.82 -38.72
N ALA A 88 11.95 27.49 -39.91
CA ALA A 88 10.51 27.26 -40.13
C ALA A 88 10.03 25.93 -39.53
N PHE A 89 10.89 24.92 -39.60
CA PHE A 89 10.54 23.58 -39.12
C PHE A 89 10.94 23.32 -37.67
N VAL A 90 11.32 24.39 -36.96
CA VAL A 90 11.67 24.29 -35.54
C VAL A 90 10.41 24.04 -34.71
N GLU A 91 9.41 24.91 -34.86
CA GLU A 91 8.15 24.82 -34.13
C GLU A 91 7.51 23.41 -34.17
N PRO A 92 7.29 22.86 -35.37
CA PRO A 92 6.69 21.51 -35.43
C PRO A 92 7.56 20.45 -34.79
N PHE A 93 8.88 20.56 -34.98
CA PHE A 93 9.83 19.57 -34.48
C PHE A 93 9.91 19.57 -32.95
N VAL A 94 9.74 20.74 -32.34
CA VAL A 94 9.76 20.86 -30.88
C VAL A 94 8.55 20.14 -30.25
N ILE A 95 7.37 20.41 -30.80
CA ILE A 95 6.12 19.80 -30.32
C ILE A 95 6.17 18.28 -30.46
N LEU A 96 6.74 17.81 -31.57
CA LEU A 96 6.87 16.38 -31.85
C LEU A 96 7.84 15.71 -30.86
N LEU A 97 8.95 16.40 -30.56
CA LEU A 97 9.94 15.89 -29.61
C LEU A 97 9.35 15.67 -28.22
N ILE A 98 8.53 16.60 -27.77
CA ILE A 98 7.83 16.50 -26.49
C ILE A 98 6.89 15.29 -26.47
N LEU A 99 6.15 15.09 -27.58
CA LEU A 99 5.26 13.94 -27.72
C LEU A 99 6.05 12.63 -27.69
N ILE A 100 7.19 12.61 -28.38
CA ILE A 100 8.08 11.46 -28.43
C ILE A 100 8.72 11.19 -27.05
N ALA A 101 9.23 12.24 -26.42
CA ALA A 101 9.79 12.14 -25.06
C ALA A 101 8.76 11.64 -24.06
N ASN A 102 7.53 12.17 -24.17
CA ASN A 102 6.40 11.71 -23.36
C ASN A 102 6.08 10.24 -23.60
N ALA A 103 6.19 9.82 -24.86
CA ALA A 103 5.95 8.43 -25.23
C ALA A 103 7.06 7.49 -24.72
N ILE A 104 8.30 7.94 -24.81
CA ILE A 104 9.45 7.15 -24.35
C ILE A 104 9.32 6.83 -22.86
N VAL A 105 8.97 7.85 -22.07
CA VAL A 105 8.80 7.69 -20.62
C VAL A 105 7.68 6.70 -20.27
N GLY A 106 6.52 6.85 -20.91
CA GLY A 106 5.38 5.97 -20.69
C GLY A 106 5.72 4.52 -21.00
N VAL A 107 6.35 4.30 -22.14
CA VAL A 107 6.80 2.99 -22.58
C VAL A 107 7.83 2.40 -21.61
N TRP A 108 8.73 3.25 -21.13
CA TRP A 108 9.76 2.85 -20.17
C TRP A 108 9.16 2.39 -18.84
N GLN A 109 8.10 3.08 -18.41
CA GLN A 109 7.42 2.78 -17.16
C GLN A 109 6.77 1.39 -17.13
N GLU A 110 6.31 0.93 -18.29
CA GLU A 110 5.69 -0.40 -18.39
C GLU A 110 6.69 -1.53 -18.36
N ARG A 111 7.87 -1.33 -18.97
CA ARG A 111 8.90 -2.37 -19.00
C ARG A 111 9.48 -2.66 -17.61
N ASN A 112 9.52 -1.64 -16.75
CA ASN A 112 10.06 -1.78 -15.40
C ASN A 112 9.00 -2.11 -14.35
N ALA A 113 7.73 -2.05 -14.74
CA ALA A 113 6.62 -2.39 -13.86
C ALA A 113 6.48 -3.90 -13.68
N GLU A 114 6.21 -4.32 -12.44
CA GLU A 114 5.91 -5.72 -12.15
C GLU A 114 4.49 -5.82 -11.62
N ASN A 115 3.76 -6.85 -12.05
CA ASN A 115 2.40 -7.04 -11.53
C ASN A 115 2.27 -8.27 -10.64
N ALA A 116 1.37 -8.17 -9.67
CA ALA A 116 1.25 -9.16 -8.60
C ALA A 116 0.79 -10.53 -9.10
N ILE A 117 -0.13 -10.53 -10.06
CA ILE A 117 -0.63 -11.77 -10.67
C ILE A 117 0.53 -12.59 -11.26
N GLU A 118 1.50 -11.90 -11.87
CA GLU A 118 2.67 -12.56 -12.43
C GLU A 118 3.69 -12.99 -11.37
N ALA A 119 3.60 -12.40 -10.19
CA ALA A 119 4.45 -12.78 -9.06
C ALA A 119 3.97 -14.06 -8.37
N LEU A 120 2.73 -14.46 -8.67
CA LEU A 120 2.18 -15.73 -8.17
C LEU A 120 2.86 -16.93 -8.81
N LYS A 121 3.29 -16.79 -10.07
CA LYS A 121 3.92 -17.87 -10.83
C LYS A 121 5.22 -18.36 -10.20
N GLU A 122 5.73 -17.60 -9.25
CA GLU A 122 6.84 -18.00 -8.39
C GLU A 122 6.51 -19.30 -7.65
N TYR A 123 5.23 -19.52 -7.35
CA TYR A 123 4.79 -20.63 -6.51
C TYR A 123 4.29 -21.86 -7.26
N GLU A 124 4.49 -21.87 -8.57
CA GLU A 124 4.20 -23.08 -9.34
C GLU A 124 5.48 -23.72 -9.89
N PRO A 125 5.82 -24.92 -9.38
CA PRO A 125 7.06 -25.60 -9.74
C PRO A 125 7.05 -26.02 -11.20
N GLU A 126 8.23 -26.22 -11.78
CA GLU A 126 8.33 -26.72 -13.15
C GLU A 126 7.77 -28.14 -13.24
N MET A 127 8.12 -28.97 -12.26
CA MET A 127 7.85 -30.41 -12.33
C MET A 127 7.07 -30.93 -11.13
N GLY A 128 6.50 -32.12 -11.30
CA GLY A 128 5.84 -32.87 -10.24
C GLY A 128 6.06 -34.36 -10.45
N LYS A 129 5.51 -35.18 -9.57
CA LYS A 129 5.68 -36.63 -9.64
C LYS A 129 4.34 -37.34 -9.56
N VAL A 130 4.03 -38.13 -10.59
CA VAL A 130 2.78 -38.87 -10.66
C VAL A 130 3.00 -40.36 -10.92
N TYR A 131 2.03 -41.18 -10.54
CA TYR A 131 1.93 -42.55 -11.01
C TYR A 131 0.78 -42.61 -11.99
N ARG A 132 1.07 -43.08 -13.21
CA ARG A 132 0.06 -43.31 -14.23
C ARG A 132 0.14 -44.74 -14.73
N ALA A 133 -1.01 -45.28 -15.16
CA ALA A 133 -1.15 -46.71 -15.52
C ALA A 133 -0.14 -47.25 -16.54
N ASP A 134 0.34 -46.40 -17.45
CA ASP A 134 1.25 -46.83 -18.51
C ASP A 134 2.68 -47.17 -18.03
N ARG A 135 2.99 -46.87 -16.77
CA ARG A 135 4.29 -47.21 -16.18
C ARG A 135 4.18 -47.61 -14.71
N LYS A 136 5.05 -48.53 -14.30
CA LYS A 136 5.11 -49.02 -12.92
C LYS A 136 5.70 -47.98 -11.95
N SER A 137 6.89 -47.46 -12.27
CA SER A 137 7.59 -46.54 -11.38
C SER A 137 7.09 -45.10 -11.53
N VAL A 138 7.41 -44.26 -10.54
CA VAL A 138 6.99 -42.87 -10.54
C VAL A 138 7.56 -42.13 -11.76
N GLN A 139 6.77 -41.23 -12.34
CA GLN A 139 7.22 -40.46 -13.50
C GLN A 139 7.18 -38.96 -13.28
N ARG A 140 8.35 -38.34 -13.25
CA ARG A 140 8.41 -36.89 -13.09
C ARG A 140 8.08 -36.19 -14.40
N ILE A 141 7.04 -35.36 -14.36
CA ILE A 141 6.53 -34.65 -15.52
C ILE A 141 6.38 -33.17 -15.21
N LYS A 142 6.14 -32.37 -16.25
CA LYS A 142 5.86 -30.95 -16.08
C LYS A 142 4.55 -30.75 -15.32
N ALA A 143 4.58 -29.83 -14.35
CA ALA A 143 3.43 -29.58 -13.48
C ALA A 143 2.17 -29.22 -14.24
N ARG A 144 2.33 -28.55 -15.38
CA ARG A 144 1.20 -28.12 -16.20
C ARG A 144 0.43 -29.29 -16.86
N ASP A 145 1.06 -30.46 -16.94
CA ASP A 145 0.43 -31.65 -17.53
C ASP A 145 -0.30 -32.52 -16.51
N ILE A 146 -0.22 -32.12 -15.25
CA ILE A 146 -0.97 -32.77 -14.17
C ILE A 146 -2.43 -32.34 -14.26
N VAL A 147 -3.33 -33.31 -14.09
CA VAL A 147 -4.76 -33.07 -14.17
C VAL A 147 -5.41 -33.55 -12.86
N PRO A 148 -6.63 -33.06 -12.54
CA PRO A 148 -7.41 -33.63 -11.43
C PRO A 148 -7.58 -35.14 -11.62
N GLY A 149 -7.47 -35.89 -10.53
CA GLY A 149 -7.53 -37.34 -10.60
C GLY A 149 -6.17 -38.00 -10.55
N ASP A 150 -5.12 -37.26 -10.89
CA ASP A 150 -3.76 -37.81 -10.84
C ASP A 150 -3.38 -38.30 -9.46
N ILE A 151 -2.76 -39.47 -9.39
CA ILE A 151 -2.13 -39.91 -8.17
C ILE A 151 -0.75 -39.26 -8.13
N VAL A 152 -0.52 -38.44 -7.11
CA VAL A 152 0.68 -37.63 -7.00
C VAL A 152 1.51 -38.07 -5.79
N GLU A 153 2.84 -37.99 -5.93
CA GLU A 153 3.78 -38.27 -4.84
C GLU A 153 4.56 -37.00 -4.49
N VAL A 154 4.62 -36.67 -3.20
CA VAL A 154 5.41 -35.53 -2.73
C VAL A 154 6.39 -35.96 -1.62
N ALA A 155 7.54 -35.29 -1.54
CA ALA A 155 8.57 -35.60 -0.55
C ALA A 155 9.28 -34.34 -0.07
N VAL A 156 9.98 -34.45 1.06
CA VAL A 156 10.73 -33.33 1.66
C VAL A 156 11.45 -32.45 0.63
N GLY A 157 11.22 -31.14 0.71
CA GLY A 157 11.83 -30.17 -0.20
C GLY A 157 11.00 -29.84 -1.42
N ASP A 158 10.01 -30.68 -1.73
CA ASP A 158 9.14 -30.49 -2.88
C ASP A 158 8.21 -29.30 -2.75
N LYS A 159 7.97 -28.62 -3.86
CA LYS A 159 6.94 -27.62 -3.96
C LYS A 159 5.68 -28.28 -4.52
N VAL A 160 4.57 -28.16 -3.78
CA VAL A 160 3.32 -28.84 -4.11
C VAL A 160 2.79 -28.33 -5.46
N PRO A 161 2.56 -29.24 -6.41
CA PRO A 161 2.22 -28.85 -7.78
C PRO A 161 0.75 -28.53 -8.03
N ALA A 162 -0.15 -29.02 -7.17
CA ALA A 162 -1.60 -28.79 -7.30
C ALA A 162 -2.27 -28.91 -5.92
N ASP A 163 -3.57 -28.65 -5.87
CA ASP A 163 -4.33 -28.86 -4.63
C ASP A 163 -4.66 -30.34 -4.53
N ILE A 164 -4.09 -30.99 -3.51
CA ILE A 164 -4.04 -32.45 -3.42
C ILE A 164 -4.72 -32.98 -2.15
N ARG A 165 -5.54 -34.01 -2.31
CA ARG A 165 -6.11 -34.74 -1.19
C ARG A 165 -5.09 -35.81 -0.83
N ILE A 166 -4.63 -35.82 0.43
CA ILE A 166 -3.66 -36.83 0.86
C ILE A 166 -4.35 -38.20 0.98
N LEU A 167 -3.78 -39.21 0.32
CA LEU A 167 -4.29 -40.58 0.37
C LEU A 167 -3.63 -41.39 1.49
N SER A 168 -2.29 -41.41 1.52
CA SER A 168 -1.55 -42.08 2.58
C SER A 168 -0.18 -41.46 2.79
N ILE A 169 0.20 -41.36 4.07
CA ILE A 169 1.48 -40.80 4.46
C ILE A 169 2.44 -41.96 4.69
N LYS A 170 3.53 -41.94 3.92
CA LYS A 170 4.48 -43.05 3.85
C LYS A 170 5.54 -43.01 4.94
N SER A 171 5.59 -41.89 5.66
CA SER A 171 6.52 -41.70 6.76
C SER A 171 5.76 -41.61 8.08
N THR A 172 6.50 -41.52 9.17
CA THR A 172 5.91 -41.33 10.51
C THR A 172 4.91 -40.17 10.48
N THR A 173 5.37 -39.01 10.04
CA THR A 173 4.52 -37.83 9.94
C THR A 173 4.76 -37.07 8.64
N LEU A 174 3.78 -36.24 8.26
CA LEU A 174 3.97 -35.29 7.17
C LEU A 174 3.87 -33.84 7.66
N ARG A 175 4.93 -33.08 7.42
CA ARG A 175 5.02 -31.67 7.83
C ARG A 175 5.03 -30.79 6.58
N VAL A 176 4.31 -29.68 6.65
CA VAL A 176 4.14 -28.81 5.50
C VAL A 176 4.32 -27.34 5.88
N ASP A 177 5.15 -26.63 5.12
CA ASP A 177 5.29 -25.19 5.24
C ASP A 177 4.29 -24.50 4.30
N GLN A 178 3.18 -24.06 4.86
CA GLN A 178 2.14 -23.40 4.09
C GLN A 178 1.89 -21.98 4.59
N SER A 179 2.93 -21.38 5.14
CA SER A 179 2.88 -20.03 5.71
C SER A 179 2.37 -19.00 4.69
N ILE A 180 2.78 -19.15 3.43
CA ILE A 180 2.38 -18.25 2.34
C ILE A 180 0.86 -18.15 2.17
N LEU A 181 0.14 -19.19 2.59
CA LEU A 181 -1.30 -19.25 2.44
C LEU A 181 -2.12 -19.08 3.71
N THR A 182 -1.55 -19.48 4.85
CA THR A 182 -2.29 -19.52 6.11
C THR A 182 -1.70 -18.64 7.21
N GLY A 183 -0.49 -18.13 6.98
CA GLY A 183 0.21 -17.36 8.00
C GLY A 183 0.63 -18.18 9.21
N GLU A 184 0.57 -19.51 9.07
CA GLU A 184 1.02 -20.42 10.12
C GLU A 184 2.54 -20.40 10.17
N SER A 185 3.09 -20.12 11.35
CA SER A 185 4.53 -19.97 11.54
C SER A 185 5.29 -21.28 11.36
N VAL A 186 5.03 -22.24 12.25
CA VAL A 186 5.67 -23.56 12.19
C VAL A 186 5.09 -24.36 11.03
N SER A 187 5.84 -25.35 10.55
CA SER A 187 5.31 -26.33 9.62
C SER A 187 4.18 -27.09 10.30
N VAL A 188 3.10 -27.34 9.55
CA VAL A 188 1.93 -28.00 10.10
C VAL A 188 1.88 -29.48 9.78
N ILE A 189 1.26 -30.24 10.67
CA ILE A 189 1.11 -31.69 10.49
C ILE A 189 -0.16 -31.98 9.69
N LYS A 190 -0.08 -33.02 8.87
CA LYS A 190 -1.18 -33.44 8.02
C LYS A 190 -1.61 -34.87 8.35
N HIS A 191 -2.89 -35.15 8.11
CA HIS A 191 -3.45 -36.49 8.30
C HIS A 191 -4.27 -36.85 7.05
N THR A 192 -4.93 -38.01 7.06
CA THR A 192 -5.66 -38.46 5.87
C THR A 192 -7.17 -38.56 6.07
N GLU A 193 -7.64 -38.37 7.30
CA GLU A 193 -9.05 -38.54 7.62
C GLU A 193 -9.85 -37.35 7.11
N PRO A 194 -11.11 -37.60 6.68
CA PRO A 194 -11.95 -36.51 6.19
C PRO A 194 -12.16 -35.42 7.23
N VAL A 195 -12.32 -34.19 6.75
CA VAL A 195 -12.63 -33.04 7.59
C VAL A 195 -14.09 -32.67 7.28
N PRO A 196 -15.02 -32.95 8.22
CA PRO A 196 -16.48 -32.93 7.97
C PRO A 196 -17.05 -31.64 7.36
N ASP A 197 -16.69 -30.50 7.94
CA ASP A 197 -17.19 -29.18 7.51
C ASP A 197 -16.87 -28.92 6.03
N PRO A 198 -17.92 -28.74 5.19
CA PRO A 198 -17.73 -28.40 3.78
C PRO A 198 -17.15 -27.01 3.61
N ARG A 199 -17.36 -26.15 4.62
CA ARG A 199 -16.90 -24.76 4.59
C ARG A 199 -15.65 -24.54 5.45
N ALA A 200 -14.93 -25.61 5.75
CA ALA A 200 -13.71 -25.52 6.54
C ALA A 200 -12.72 -24.55 5.90
N VAL A 201 -12.18 -23.65 6.70
CA VAL A 201 -11.11 -22.76 6.24
C VAL A 201 -9.84 -23.59 6.02
N ASN A 202 -8.93 -23.06 5.21
CA ASN A 202 -7.73 -23.79 4.83
C ASN A 202 -6.93 -24.37 5.98
N GLN A 203 -6.85 -23.64 7.09
CA GLN A 203 -6.14 -24.10 8.30
C GLN A 203 -6.70 -25.38 8.90
N ASP A 204 -8.01 -25.59 8.77
CA ASP A 204 -8.66 -26.82 9.20
C ASP A 204 -8.57 -27.98 8.19
N LYS A 205 -8.13 -27.70 6.97
CA LYS A 205 -8.02 -28.74 5.94
C LYS A 205 -6.74 -29.55 6.11
N LYS A 206 -6.73 -30.38 7.15
CA LYS A 206 -5.53 -31.09 7.58
C LYS A 206 -5.19 -32.26 6.65
N ASN A 207 -6.11 -32.60 5.75
CA ASN A 207 -5.88 -33.68 4.80
C ASN A 207 -5.55 -33.19 3.38
N MET A 208 -5.29 -31.88 3.26
CA MET A 208 -5.03 -31.27 1.96
C MET A 208 -3.63 -30.71 1.83
N LEU A 209 -3.09 -30.80 0.63
CA LEU A 209 -1.85 -30.13 0.26
C LEU A 209 -2.22 -29.04 -0.73
N PHE A 210 -1.77 -27.83 -0.48
CA PHE A 210 -2.12 -26.71 -1.35
C PHE A 210 -1.02 -26.42 -2.33
N SER A 211 -1.40 -26.23 -3.59
CA SER A 211 -0.47 -25.83 -4.65
C SER A 211 0.38 -24.64 -4.23
N GLY A 212 1.71 -24.78 -4.34
CA GLY A 212 2.60 -23.67 -4.04
C GLY A 212 3.25 -23.68 -2.67
N THR A 213 2.81 -24.59 -1.81
CA THR A 213 3.40 -24.77 -0.48
C THR A 213 4.56 -25.77 -0.55
N ASN A 214 5.33 -25.91 0.53
CA ASN A 214 6.51 -26.80 0.57
C ASN A 214 6.36 -27.90 1.59
N ILE A 215 6.87 -29.08 1.25
CA ILE A 215 6.95 -30.18 2.20
C ILE A 215 8.15 -29.92 3.11
N ALA A 216 7.88 -29.87 4.41
CA ALA A 216 8.92 -29.61 5.39
C ALA A 216 9.56 -30.90 5.87
N ALA A 217 8.75 -31.95 6.02
CA ALA A 217 9.24 -33.27 6.42
C ALA A 217 8.28 -34.35 5.93
N GLY A 218 8.85 -35.50 5.55
CA GLY A 218 8.06 -36.68 5.19
C GLY A 218 7.86 -36.95 3.70
N LYS A 219 6.98 -37.90 3.41
CA LYS A 219 6.68 -38.34 2.04
C LYS A 219 5.25 -38.85 2.01
N ALA A 220 4.48 -38.36 1.05
CA ALA A 220 3.05 -38.64 0.99
C ALA A 220 2.56 -38.95 -0.42
N LEU A 221 1.58 -39.82 -0.51
CA LEU A 221 0.88 -40.06 -1.75
C LEU A 221 -0.47 -39.38 -1.63
N GLY A 222 -0.92 -38.78 -2.73
CA GLY A 222 -2.20 -38.09 -2.75
C GLY A 222 -2.87 -38.13 -4.11
N ILE A 223 -4.09 -37.59 -4.15
CA ILE A 223 -4.86 -37.47 -5.39
C ILE A 223 -5.16 -35.99 -5.67
N VAL A 224 -4.98 -35.58 -6.93
CA VAL A 224 -5.15 -34.18 -7.29
C VAL A 224 -6.62 -33.84 -7.33
N ALA A 225 -7.01 -32.85 -6.54
CA ALA A 225 -8.39 -32.43 -6.41
C ALA A 225 -8.74 -31.33 -7.40
N THR A 226 -7.90 -30.30 -7.45
CA THR A 226 -8.10 -29.17 -8.36
C THR A 226 -6.78 -28.72 -8.95
N THR A 227 -6.84 -28.05 -10.11
CA THR A 227 -5.66 -27.49 -10.76
C THR A 227 -6.00 -26.10 -11.29
N GLY A 228 -5.01 -25.40 -11.84
CA GLY A 228 -5.23 -24.17 -12.58
C GLY A 228 -5.79 -23.07 -11.70
N VAL A 229 -6.87 -22.44 -12.18
CA VAL A 229 -7.50 -21.34 -11.44
C VAL A 229 -8.35 -21.84 -10.25
N SER A 230 -8.57 -23.15 -10.20
CA SER A 230 -9.45 -23.76 -9.19
C SER A 230 -8.83 -24.00 -7.82
N THR A 231 -7.49 -23.99 -7.76
CA THR A 231 -6.76 -24.20 -6.51
C THR A 231 -6.97 -23.01 -5.57
N GLU A 232 -6.45 -23.08 -4.35
CA GLU A 232 -6.56 -21.97 -3.42
C GLU A 232 -5.81 -20.76 -3.93
N ILE A 233 -4.61 -20.98 -4.46
CA ILE A 233 -3.79 -19.92 -5.04
C ILE A 233 -4.41 -19.38 -6.34
N GLY A 234 -5.04 -20.26 -7.10
CA GLY A 234 -5.74 -19.87 -8.33
C GLY A 234 -6.96 -19.00 -8.07
N LYS A 235 -7.70 -19.33 -7.01
CA LYS A 235 -8.83 -18.49 -6.57
C LYS A 235 -8.39 -17.10 -6.13
N ILE A 236 -7.25 -17.02 -5.44
CA ILE A 236 -6.65 -15.75 -5.09
C ILE A 236 -6.30 -14.96 -6.34
N ARG A 237 -5.78 -15.66 -7.36
CA ARG A 237 -5.44 -15.02 -8.62
C ARG A 237 -6.66 -14.43 -9.31
N ASP A 238 -7.73 -15.22 -9.41
CA ASP A 238 -8.98 -14.76 -10.03
C ASP A 238 -9.58 -13.54 -9.34
N GLN A 239 -9.50 -13.50 -8.01
CA GLN A 239 -9.97 -12.34 -7.24
C GLN A 239 -9.17 -11.08 -7.56
N MET A 240 -7.86 -11.24 -7.69
CA MET A 240 -6.97 -10.12 -8.03
C MET A 240 -7.22 -9.61 -9.45
N ALA A 241 -7.40 -10.54 -10.38
CA ALA A 241 -7.67 -10.21 -11.77
C ALA A 241 -8.99 -9.47 -11.94
N ALA A 242 -9.94 -9.76 -11.05
CA ALA A 242 -11.27 -9.15 -11.11
C ALA A 242 -11.34 -7.82 -10.34
N THR A 243 -10.29 -7.49 -9.61
CA THR A 243 -10.23 -6.22 -8.89
C THR A 243 -9.79 -5.10 -9.83
N GLU A 244 -10.71 -4.19 -10.10
CA GLU A 244 -10.38 -2.96 -10.82
C GLU A 244 -10.06 -1.88 -9.80
N GLN A 245 -8.96 -1.17 -10.02
CA GLN A 245 -8.59 -0.08 -9.14
C GLN A 245 -8.95 1.26 -9.77
N ASP A 246 -9.64 2.09 -8.99
CA ASP A 246 -9.99 3.44 -9.41
C ASP A 246 -8.75 4.32 -9.58
N LYS A 247 -8.86 5.33 -10.43
CA LYS A 247 -7.89 6.40 -10.51
C LYS A 247 -7.87 7.19 -9.20
N THR A 248 -6.71 7.74 -8.85
CA THR A 248 -6.59 8.59 -7.67
C THR A 248 -7.36 9.90 -7.89
N PRO A 249 -7.71 10.61 -6.81
CA PRO A 249 -8.48 11.86 -6.95
C PRO A 249 -7.82 12.90 -7.87
N LEU A 250 -6.50 13.01 -7.83
CA LEU A 250 -5.79 13.97 -8.69
C LEU A 250 -5.87 13.58 -10.17
N GLN A 251 -5.66 12.30 -10.46
CA GLN A 251 -5.79 11.79 -11.83
C GLN A 251 -7.19 12.08 -12.39
N GLN A 252 -8.21 11.88 -11.55
CA GLN A 252 -9.60 12.14 -11.92
C GLN A 252 -9.84 13.63 -12.21
N LYS A 253 -9.22 14.50 -11.42
CA LYS A 253 -9.35 15.94 -11.62
C LYS A 253 -8.57 16.41 -12.84
N LEU A 254 -7.39 15.84 -13.06
CA LEU A 254 -6.59 16.09 -14.25
C LEU A 254 -7.33 15.70 -15.53
N ASP A 255 -8.01 14.57 -15.50
CA ASP A 255 -8.82 14.11 -16.64
C ASP A 255 -10.02 15.02 -16.85
N GLU A 256 -10.64 15.44 -15.75
CA GLU A 256 -11.77 16.37 -15.78
C GLU A 256 -11.31 17.69 -16.40
N PHE A 257 -10.14 18.17 -15.95
CA PHE A 257 -9.50 19.36 -16.50
C PHE A 257 -9.26 19.26 -18.01
N GLY A 258 -8.72 18.13 -18.45
CA GLY A 258 -8.46 17.89 -19.87
C GLY A 258 -9.70 17.94 -20.73
N GLU A 259 -10.78 17.33 -20.25
CA GLU A 259 -12.07 17.34 -20.94
C GLU A 259 -12.54 18.79 -21.09
N GLN A 260 -12.54 19.52 -19.98
CA GLN A 260 -12.95 20.93 -19.97
C GLN A 260 -12.06 21.82 -20.83
N LEU A 261 -10.75 21.56 -20.80
CA LEU A 261 -9.81 22.37 -21.54
C LEU A 261 -10.03 22.31 -23.06
N SER A 262 -10.24 21.11 -23.59
CA SER A 262 -10.50 20.93 -25.02
C SER A 262 -11.83 21.56 -25.41
N LYS A 263 -12.81 21.48 -24.52
CA LYS A 263 -14.11 22.12 -24.72
C LYS A 263 -13.93 23.64 -24.81
N VAL A 264 -13.09 24.20 -23.95
CA VAL A 264 -12.83 25.64 -23.93
C VAL A 264 -11.98 26.09 -25.12
N ILE A 265 -10.98 25.28 -25.48
CA ILE A 265 -10.14 25.55 -26.65
C ILE A 265 -10.98 25.73 -27.91
N SER A 266 -11.91 24.80 -28.14
CA SER A 266 -12.76 24.86 -29.32
C SER A 266 -13.69 26.08 -29.31
N LEU A 267 -14.26 26.38 -28.14
CA LEU A 267 -15.14 27.54 -27.99
C LEU A 267 -14.44 28.88 -28.23
N ILE A 268 -13.16 28.97 -27.84
CA ILE A 268 -12.35 30.14 -28.15
C ILE A 268 -12.11 30.27 -29.67
N CYS A 269 -11.83 29.14 -30.32
CA CYS A 269 -11.70 29.10 -31.77
C CYS A 269 -12.96 29.60 -32.47
N VAL A 270 -14.13 29.21 -31.94
CA VAL A 270 -15.42 29.65 -32.46
C VAL A 270 -15.63 31.15 -32.23
N ALA A 271 -15.22 31.63 -31.05
CA ALA A 271 -15.29 33.05 -30.73
C ALA A 271 -14.39 33.88 -31.66
N VAL A 272 -13.15 33.43 -31.85
CA VAL A 272 -12.19 34.09 -32.75
C VAL A 272 -12.72 34.13 -34.18
N TRP A 273 -13.48 33.11 -34.57
CA TRP A 273 -14.12 33.07 -35.86
C TRP A 273 -15.31 34.03 -35.91
N LEU A 274 -16.14 34.02 -34.86
CA LEU A 274 -17.29 34.90 -34.75
C LEU A 274 -16.94 36.38 -34.66
N ILE A 275 -15.81 36.68 -34.02
CA ILE A 275 -15.34 38.06 -33.88
C ILE A 275 -14.80 38.60 -35.22
N ASN A 276 -14.53 37.69 -36.16
CA ASN A 276 -14.02 38.06 -37.47
C ASN A 276 -15.00 37.78 -38.62
N ILE A 277 -16.30 37.83 -38.35
CA ILE A 277 -17.32 37.62 -39.38
C ILE A 277 -17.52 38.84 -40.30
N GLY A 278 -16.84 39.95 -39.96
CA GLY A 278 -16.81 41.13 -40.81
C GLY A 278 -16.00 40.92 -42.08
N HIS A 279 -15.21 39.85 -42.10
CA HIS A 279 -14.45 39.43 -43.28
C HIS A 279 -15.35 38.92 -44.41
N PHE A 280 -16.58 38.53 -44.05
CA PHE A 280 -17.60 38.17 -45.03
C PHE A 280 -18.05 39.41 -45.82
N ASN A 281 -17.88 40.59 -45.23
CA ASN A 281 -18.22 41.84 -45.88
C ASN A 281 -17.07 42.43 -46.72
N ASP A 282 -15.90 41.81 -46.64
CA ASP A 282 -14.75 42.18 -47.47
C ASP A 282 -14.96 41.74 -48.91
N PRO A 283 -14.54 42.57 -49.89
CA PRO A 283 -14.66 42.20 -51.30
C PRO A 283 -13.88 40.92 -51.63
N VAL A 284 -14.46 40.06 -52.46
CA VAL A 284 -13.82 38.81 -52.86
C VAL A 284 -12.53 39.06 -53.65
N HIS A 285 -12.59 40.01 -54.59
CA HIS A 285 -11.41 40.44 -55.33
C HIS A 285 -10.58 41.37 -54.45
N GLY A 286 -9.27 41.13 -54.43
CA GLY A 286 -8.38 41.83 -53.51
C GLY A 286 -8.26 41.09 -52.20
N GLY A 287 -7.27 41.47 -51.40
CA GLY A 287 -7.03 40.84 -50.09
C GLY A 287 -6.40 39.46 -50.21
N SER A 288 -5.73 39.04 -49.16
CA SER A 288 -5.07 37.73 -49.13
C SER A 288 -5.83 36.72 -48.28
N TRP A 289 -6.52 35.81 -48.95
CA TRP A 289 -7.21 34.70 -48.30
C TRP A 289 -6.19 33.76 -47.67
N ILE A 290 -5.14 33.45 -48.43
CA ILE A 290 -4.09 32.54 -48.00
C ILE A 290 -3.38 33.00 -46.71
N ARG A 291 -3.12 34.30 -46.61
CA ARG A 291 -2.43 34.87 -45.44
C ARG A 291 -3.36 35.03 -44.24
N GLY A 292 -4.64 35.33 -44.51
CA GLY A 292 -5.67 35.42 -43.47
C GLY A 292 -6.05 34.06 -42.89
N ALA A 293 -5.90 33.02 -43.69
CA ALA A 293 -6.15 31.65 -43.26
C ALA A 293 -4.99 31.09 -42.44
N ILE A 294 -3.77 31.45 -42.85
CA ILE A 294 -2.56 31.12 -42.10
C ILE A 294 -2.64 31.75 -40.72
N TYR A 295 -3.07 33.02 -40.68
CA TYR A 295 -3.21 33.76 -39.44
C TYR A 295 -4.16 33.10 -38.43
N TYR A 296 -5.27 32.56 -38.93
CA TYR A 296 -6.23 31.87 -38.09
C TYR A 296 -5.67 30.56 -37.51
N PHE A 297 -5.05 29.74 -38.38
CA PHE A 297 -4.44 28.49 -37.96
C PHE A 297 -3.23 28.74 -37.05
N LYS A 298 -2.48 29.80 -37.35
CA LYS A 298 -1.30 30.17 -36.56
C LYS A 298 -1.65 30.41 -35.10
N ILE A 299 -2.78 31.07 -34.86
CA ILE A 299 -3.21 31.37 -33.49
C ILE A 299 -3.90 30.15 -32.84
N ALA A 300 -4.44 29.25 -33.67
CA ALA A 300 -5.02 28.01 -33.18
C ALA A 300 -3.94 27.13 -32.56
N VAL A 301 -2.76 27.12 -33.18
CA VAL A 301 -1.61 26.37 -32.68
C VAL A 301 -1.10 26.97 -31.37
N ALA A 302 -0.90 28.29 -31.37
CA ALA A 302 -0.46 29.00 -30.18
C ALA A 302 -1.47 28.87 -29.04
N LEU A 303 -2.76 28.87 -29.41
CA LEU A 303 -3.86 28.69 -28.46
C LEU A 303 -3.75 27.33 -27.79
N ALA A 304 -3.57 26.29 -28.59
CA ALA A 304 -3.40 24.93 -28.09
C ALA A 304 -2.20 24.82 -27.17
N VAL A 305 -1.10 25.48 -27.54
CA VAL A 305 0.14 25.43 -26.76
C VAL A 305 0.02 26.27 -25.47
N ALA A 306 -0.68 27.40 -25.57
CA ALA A 306 -0.91 28.28 -24.42
C ALA A 306 -1.77 27.63 -23.35
N ALA A 307 -2.65 26.72 -23.77
CA ALA A 307 -3.66 26.16 -22.88
C ALA A 307 -3.17 24.96 -22.07
N ILE A 308 -2.33 24.13 -22.67
CA ILE A 308 -1.83 22.93 -22.00
C ILE A 308 -0.68 23.27 -21.08
N PRO A 309 -0.74 22.83 -19.81
CA PRO A 309 0.46 22.90 -18.98
C PRO A 309 1.40 21.75 -19.34
N GLU A 310 2.25 22.01 -20.34
CA GLU A 310 3.12 20.99 -20.92
C GLU A 310 4.16 20.43 -19.95
N GLY A 311 4.59 21.27 -19.01
CA GLY A 311 5.59 20.89 -18.03
C GLY A 311 5.02 20.33 -16.74
N LEU A 312 3.69 20.28 -16.64
CA LEU A 312 3.01 19.87 -15.40
C LEU A 312 3.26 18.41 -15.01
N PRO A 313 3.13 17.45 -15.96
CA PRO A 313 3.40 16.06 -15.61
C PRO A 313 4.80 15.80 -15.07
N ALA A 314 5.79 16.51 -15.61
CA ALA A 314 7.18 16.37 -15.17
C ALA A 314 7.40 16.94 -13.77
N VAL A 315 6.78 18.09 -13.49
CA VAL A 315 6.84 18.71 -12.16
C VAL A 315 6.25 17.77 -11.11
N ILE A 316 5.05 17.25 -11.39
CA ILE A 316 4.38 16.27 -10.52
C ILE A 316 5.28 15.06 -10.22
N THR A 317 5.88 14.50 -11.27
CA THR A 317 6.74 13.33 -11.15
C THR A 317 8.00 13.61 -10.33
N THR A 318 8.69 14.71 -10.66
CA THR A 318 9.88 15.15 -9.93
C THR A 318 9.54 15.34 -8.46
N CYS A 319 8.42 15.99 -8.18
CA CYS A 319 7.96 16.20 -6.82
C CYS A 319 7.69 14.87 -6.11
N LEU A 320 7.04 13.96 -6.82
CA LEU A 320 6.70 12.65 -6.27
C LEU A 320 7.94 11.82 -5.96
N ALA A 321 8.91 11.83 -6.88
CA ALA A 321 10.16 11.09 -6.72
C ALA A 321 10.95 11.55 -5.50
N LEU A 322 11.02 12.87 -5.32
CA LEU A 322 11.76 13.47 -4.22
C LEU A 322 11.16 13.14 -2.87
N GLY A 323 9.84 13.32 -2.76
CA GLY A 323 9.12 12.99 -1.54
C GLY A 323 9.17 11.51 -1.22
N THR A 324 9.18 10.69 -2.27
CA THR A 324 9.31 9.24 -2.15
C THR A 324 10.65 8.81 -1.53
N ARG A 325 11.73 9.44 -1.95
CA ARG A 325 13.05 9.15 -1.38
C ARG A 325 13.13 9.63 0.07
N ARG A 326 12.37 10.69 0.36
CA ARG A 326 12.24 11.24 1.70
C ARG A 326 11.46 10.27 2.60
N MET A 327 10.38 9.71 2.06
CA MET A 327 9.55 8.76 2.79
C MET A 327 10.28 7.44 3.04
N ALA A 328 11.18 7.08 2.12
CA ALA A 328 11.99 5.87 2.26
C ALA A 328 12.91 5.93 3.49
N LYS A 329 13.46 7.11 3.75
CA LYS A 329 14.32 7.33 4.91
C LYS A 329 13.56 7.21 6.23
N LYS A 330 12.24 7.43 6.17
CA LYS A 330 11.35 7.20 7.32
C LYS A 330 10.68 5.83 7.24
N ASN A 331 11.28 4.91 6.50
CA ASN A 331 10.87 3.50 6.43
C ASN A 331 9.61 3.19 5.61
N ALA A 332 9.06 4.20 4.94
CA ALA A 332 7.90 4.01 4.08
C ALA A 332 8.32 3.90 2.62
N ILE A 333 8.30 2.69 2.09
CA ILE A 333 8.71 2.43 0.71
C ILE A 333 7.49 2.49 -0.20
N VAL A 334 7.35 3.62 -0.90
CA VAL A 334 6.25 3.84 -1.82
C VAL A 334 6.58 3.23 -3.18
N ARG A 335 5.66 2.43 -3.69
CA ARG A 335 5.83 1.74 -4.96
C ARG A 335 5.08 2.47 -6.08
N SER A 336 3.96 3.09 -5.71
CA SER A 336 3.13 3.81 -6.66
C SER A 336 3.20 5.31 -6.37
N LEU A 337 3.89 6.04 -7.24
CA LEU A 337 4.06 7.49 -7.05
C LEU A 337 2.72 8.25 -6.89
N PRO A 338 1.71 7.93 -7.73
CA PRO A 338 0.40 8.60 -7.56
C PRO A 338 -0.32 8.27 -6.24
N SER A 339 0.15 7.26 -5.51
CA SER A 339 -0.50 6.85 -4.25
C SER A 339 -0.18 7.77 -3.08
N VAL A 340 0.86 8.58 -3.19
CA VAL A 340 1.22 9.52 -2.13
C VAL A 340 0.05 10.45 -1.80
N GLU A 341 -0.72 10.82 -2.84
CA GLU A 341 -1.90 11.64 -2.67
C GLU A 341 -2.99 10.90 -1.93
N THR A 342 -3.30 9.70 -2.41
CA THR A 342 -4.31 8.85 -1.79
C THR A 342 -3.98 8.63 -0.31
N LEU A 343 -2.69 8.47 -0.03
CA LEU A 343 -2.19 8.24 1.32
C LEU A 343 -2.57 9.40 2.24
N GLY A 344 -2.45 10.64 1.72
CA GLY A 344 -2.82 11.84 2.46
C GLY A 344 -4.32 11.91 2.75
N CYS A 345 -5.10 11.25 1.90
CA CYS A 345 -6.57 11.23 2.03
C CYS A 345 -7.09 10.09 2.89
N THR A 346 -6.20 9.24 3.39
CA THR A 346 -6.59 8.09 4.20
C THR A 346 -7.57 8.50 5.29
N SER A 347 -8.70 7.84 5.35
CA SER A 347 -9.67 8.10 6.42
C SER A 347 -9.83 6.91 7.38
N VAL A 348 -9.40 5.73 6.92
CA VAL A 348 -9.42 4.52 7.75
C VAL A 348 -8.13 3.71 7.53
N ILE A 349 -7.45 3.38 8.62
CA ILE A 349 -6.33 2.42 8.58
C ILE A 349 -6.74 1.10 9.25
N CYS A 350 -6.78 0.02 8.48
CA CYS A 350 -7.00 -1.32 9.01
C CYS A 350 -5.65 -1.98 9.17
N SER A 351 -5.32 -2.35 10.40
CA SER A 351 -3.99 -2.81 10.72
C SER A 351 -4.00 -4.13 11.48
N ASP A 352 -3.21 -5.09 11.00
CA ASP A 352 -2.89 -6.29 11.76
C ASP A 352 -2.19 -5.88 13.05
N LYS A 353 -2.40 -6.63 14.13
CA LYS A 353 -1.82 -6.31 15.42
C LYS A 353 -0.36 -6.76 15.53
N THR A 354 -0.14 -8.08 15.43
CA THR A 354 1.14 -8.69 15.76
C THR A 354 2.28 -8.24 14.84
N GLY A 355 3.32 -7.66 15.43
CA GLY A 355 4.47 -7.17 14.68
C GLY A 355 4.29 -5.76 14.16
N THR A 356 3.04 -5.28 14.08
CA THR A 356 2.75 -3.96 13.54
C THR A 356 2.31 -2.98 14.64
N LEU A 357 1.27 -3.35 15.39
CA LEU A 357 0.88 -2.62 16.59
C LEU A 357 1.72 -3.07 17.77
N THR A 358 2.04 -4.36 17.79
CA THR A 358 2.86 -4.93 18.87
C THR A 358 4.24 -5.31 18.33
N THR A 359 5.15 -5.67 19.23
CA THR A 359 6.54 -5.97 18.86
C THR A 359 6.73 -7.41 18.37
N ASN A 360 5.71 -8.25 18.54
CA ASN A 360 5.82 -9.69 18.36
C ASN A 360 6.97 -10.30 19.17
N GLN A 361 7.19 -9.76 20.36
CA GLN A 361 8.18 -10.29 21.29
C GLN A 361 7.44 -10.76 22.54
N MET A 362 6.90 -11.96 22.48
CA MET A 362 6.00 -12.50 23.50
C MET A 362 6.78 -12.88 24.76
N SER A 363 6.28 -12.44 25.91
CA SER A 363 6.97 -12.68 27.18
C SER A 363 6.00 -13.00 28.31
N VAL A 364 6.27 -14.09 29.04
CA VAL A 364 5.49 -14.45 30.21
C VAL A 364 5.88 -13.55 31.37
N CYS A 365 4.90 -12.90 31.99
CA CYS A 365 5.17 -12.07 33.16
C CYS A 365 4.28 -12.38 34.38
N LYS A 366 3.34 -13.30 34.21
CA LYS A 366 2.51 -13.78 35.32
C LYS A 366 2.21 -15.28 35.18
N MET A 367 2.11 -15.96 36.31
CA MET A 367 1.67 -17.37 36.34
C MET A 367 1.11 -17.68 37.71
N PHE A 368 0.28 -18.72 37.79
CA PHE A 368 -0.18 -19.19 39.09
C PHE A 368 -0.42 -20.69 39.12
N ILE A 369 -0.34 -21.24 40.34
CA ILE A 369 -0.67 -22.63 40.63
C ILE A 369 -1.59 -22.61 41.83
N ILE A 370 -2.26 -23.72 42.09
CA ILE A 370 -3.14 -23.84 43.25
C ILE A 370 -2.31 -24.10 44.52
N ASP A 371 -2.56 -23.30 45.55
CA ASP A 371 -1.85 -23.39 46.80
C ASP A 371 -2.52 -24.34 47.79
N LYS A 372 -3.85 -24.32 47.79
CA LYS A 372 -4.65 -24.95 48.84
C LYS A 372 -6.09 -25.13 48.38
N VAL A 373 -6.66 -26.30 48.68
CA VAL A 373 -8.09 -26.55 48.47
C VAL A 373 -8.64 -27.20 49.74
N ASP A 374 -9.63 -26.55 50.34
CA ASP A 374 -10.25 -27.04 51.55
C ASP A 374 -11.73 -26.63 51.55
N GLY A 375 -12.56 -27.49 50.96
CA GLY A 375 -14.00 -27.25 50.85
C GLY A 375 -14.33 -26.01 50.04
N ASP A 376 -15.09 -25.10 50.65
CA ASP A 376 -15.48 -23.85 50.01
C ASP A 376 -14.31 -22.85 49.89
N PHE A 377 -13.22 -23.11 50.61
CA PHE A 377 -12.07 -22.20 50.62
C PHE A 377 -10.98 -22.62 49.64
N CYS A 378 -10.39 -21.62 49.00
CA CYS A 378 -9.35 -21.83 48.00
C CYS A 378 -8.32 -20.70 48.00
N SER A 379 -7.08 -21.04 47.64
CA SER A 379 -6.02 -20.04 47.48
C SER A 379 -5.03 -20.42 46.37
N LEU A 380 -4.44 -19.39 45.78
CA LEU A 380 -3.51 -19.55 44.68
C LEU A 380 -2.11 -19.08 45.06
N ASN A 381 -1.10 -19.70 44.48
CA ASN A 381 0.25 -19.17 44.51
C ASN A 381 0.54 -18.47 43.20
N GLU A 382 0.56 -17.15 43.26
CA GLU A 382 0.60 -16.30 42.10
C GLU A 382 1.95 -15.61 42.03
N PHE A 383 2.59 -15.70 40.88
CA PHE A 383 3.93 -15.16 40.69
C PHE A 383 4.00 -14.16 39.54
N SER A 384 5.07 -13.37 39.52
CA SER A 384 5.36 -12.50 38.38
C SER A 384 6.76 -12.80 37.86
N ILE A 385 7.02 -12.46 36.61
CA ILE A 385 8.31 -12.73 35.97
C ILE A 385 8.82 -11.48 35.27
N THR A 386 10.08 -11.12 35.52
CA THR A 386 10.69 -9.93 34.92
C THR A 386 11.40 -10.26 33.63
N GLY A 387 11.41 -9.30 32.71
CA GLY A 387 12.11 -9.47 31.43
C GLY A 387 11.16 -9.49 30.24
N SER A 388 11.41 -8.61 29.27
CA SER A 388 10.54 -8.46 28.12
C SER A 388 11.12 -9.09 26.84
N THR A 389 12.28 -9.71 26.94
CA THR A 389 12.89 -10.35 25.77
C THR A 389 12.78 -11.88 25.77
N TYR A 390 13.03 -12.49 24.61
CA TYR A 390 13.17 -13.95 24.51
C TYR A 390 14.43 -14.42 25.22
N ALA A 391 15.20 -13.46 25.76
CA ALA A 391 16.40 -13.76 26.52
C ALA A 391 16.04 -14.33 27.89
N PRO A 392 16.82 -15.35 28.35
CA PRO A 392 16.63 -15.98 29.65
C PRO A 392 16.99 -15.05 30.83
N GLU A 393 17.20 -13.78 30.53
CA GLU A 393 17.58 -12.78 31.53
C GLU A 393 16.34 -12.30 32.30
N GLY A 394 16.28 -12.64 33.59
CA GLY A 394 15.13 -12.30 34.42
C GLY A 394 14.90 -13.30 35.54
N GLU A 395 14.03 -12.93 36.47
CA GLU A 395 13.75 -13.75 37.65
C GLU A 395 12.26 -13.81 38.01
N VAL A 396 11.89 -14.86 38.73
CA VAL A 396 10.53 -15.07 39.25
C VAL A 396 10.38 -14.35 40.59
N LEU A 397 9.24 -13.69 40.78
CA LEU A 397 8.98 -12.94 42.02
C LEU A 397 7.61 -13.33 42.60
N LYS A 398 7.52 -13.33 43.92
CA LYS A 398 6.22 -13.38 44.59
C LYS A 398 6.11 -12.19 45.53
N ASN A 399 4.97 -11.50 45.46
CA ASN A 399 4.77 -10.23 46.15
C ASN A 399 5.96 -9.29 45.98
N ASP A 400 6.53 -9.28 44.76
CA ASP A 400 7.67 -8.44 44.35
C ASP A 400 9.05 -8.85 44.90
N LYS A 401 9.09 -9.86 45.75
CA LYS A 401 10.35 -10.39 46.27
C LYS A 401 10.73 -11.69 45.54
N PRO A 402 11.98 -11.78 45.03
CA PRO A 402 12.48 -12.95 44.31
C PRO A 402 12.43 -14.24 45.14
N ILE A 403 11.92 -15.30 44.53
CA ILE A 403 11.91 -16.64 45.15
C ILE A 403 12.58 -17.68 44.25
N ARG A 404 13.00 -18.77 44.87
CA ARG A 404 13.50 -19.95 44.18
C ARG A 404 12.28 -20.69 43.63
N SER A 405 12.24 -20.88 42.31
CA SER A 405 11.11 -21.58 41.69
C SER A 405 11.00 -23.03 42.12
N GLY A 406 12.16 -23.69 42.25
CA GLY A 406 12.23 -25.10 42.66
C GLY A 406 11.66 -25.39 44.04
N GLN A 407 11.43 -24.33 44.81
CA GLN A 407 10.90 -24.41 46.17
C GLN A 407 9.41 -24.78 46.20
N PHE A 408 8.75 -24.69 45.04
CA PHE A 408 7.35 -25.06 44.91
C PHE A 408 7.23 -26.20 43.90
N ASP A 409 6.78 -27.36 44.36
CA ASP A 409 6.62 -28.54 43.50
C ASP A 409 5.65 -28.29 42.35
N GLY A 410 4.61 -27.51 42.61
CA GLY A 410 3.63 -27.15 41.57
C GLY A 410 4.27 -26.42 40.39
N LEU A 411 5.29 -25.63 40.68
CA LEU A 411 6.04 -24.90 39.66
C LEU A 411 6.98 -25.82 38.87
N VAL A 412 7.46 -26.88 39.51
CA VAL A 412 8.34 -27.86 38.87
C VAL A 412 7.62 -28.54 37.71
N GLU A 413 6.37 -28.95 37.94
CA GLU A 413 5.55 -29.56 36.91
C GLU A 413 5.12 -28.52 35.86
N LEU A 414 4.85 -27.30 36.33
CA LEU A 414 4.53 -26.17 35.47
C LEU A 414 5.60 -26.02 34.39
N ALA A 415 6.87 -26.02 34.82
CA ALA A 415 8.02 -25.91 33.93
C ALA A 415 8.16 -27.13 33.03
N THR A 416 7.88 -28.30 33.58
CA THR A 416 7.95 -29.55 32.85
C THR A 416 6.97 -29.52 31.68
N ILE A 417 5.72 -29.16 31.97
CA ILE A 417 4.71 -29.02 30.94
C ILE A 417 5.14 -27.98 29.90
N CYS A 418 5.63 -26.84 30.37
CA CYS A 418 6.12 -25.77 29.49
C CYS A 418 7.27 -26.21 28.58
N ALA A 419 8.20 -26.99 29.12
CA ALA A 419 9.36 -27.43 28.36
C ALA A 419 9.02 -28.54 27.36
N LEU A 420 8.17 -29.48 27.77
CA LEU A 420 7.91 -30.68 26.98
C LEU A 420 6.79 -30.50 25.96
N CYS A 421 5.68 -29.91 26.38
CA CYS A 421 4.58 -29.63 25.47
C CYS A 421 4.93 -28.38 24.66
N ASN A 422 5.84 -28.56 23.70
CA ASN A 422 6.50 -27.43 23.04
C ASN A 422 7.21 -27.83 21.75
N ASP A 423 6.83 -27.17 20.65
CA ASP A 423 7.46 -27.40 19.34
C ASP A 423 8.42 -26.28 18.94
N SER A 424 8.81 -25.45 19.91
CA SER A 424 9.69 -24.32 19.65
C SER A 424 10.95 -24.36 20.51
N SER A 425 11.97 -23.63 20.05
CA SER A 425 13.25 -23.55 20.74
C SER A 425 13.77 -22.11 20.80
N LEU A 426 14.91 -21.94 21.45
CA LEU A 426 15.49 -20.62 21.66
C LEU A 426 16.93 -20.60 21.14
N ASP A 427 17.25 -19.59 20.34
CA ASP A 427 18.61 -19.43 19.82
C ASP A 427 19.07 -17.97 19.80
N PHE A 428 20.36 -17.78 20.07
CA PHE A 428 20.97 -16.46 20.02
C PHE A 428 21.63 -16.24 18.66
N ASN A 429 21.13 -15.27 17.92
CA ASN A 429 21.72 -14.89 16.63
C ASN A 429 23.03 -14.15 16.86
N GLU A 430 24.13 -14.81 16.54
CA GLU A 430 25.48 -14.29 16.77
C GLU A 430 25.77 -13.00 16.00
N THR A 431 25.18 -12.86 14.82
CA THR A 431 25.39 -11.69 13.96
C THR A 431 24.56 -10.49 14.43
N LYS A 432 23.30 -10.74 14.75
CA LYS A 432 22.36 -9.68 15.17
C LYS A 432 22.63 -9.16 16.58
N GLY A 433 23.16 -10.02 17.43
CA GLY A 433 23.49 -9.66 18.82
C GLY A 433 22.33 -9.74 19.80
N VAL A 434 21.20 -10.27 19.34
CA VAL A 434 20.00 -10.45 20.18
C VAL A 434 19.43 -11.87 20.03
N TYR A 435 18.62 -12.28 21.02
CA TYR A 435 17.97 -13.59 21.00
C TYR A 435 16.77 -13.60 20.05
N GLU A 436 16.66 -14.67 19.26
CA GLU A 436 15.57 -14.81 18.28
C GLU A 436 14.80 -16.12 18.47
N LYS A 437 13.47 -16.01 18.33
CA LYS A 437 12.59 -17.17 18.46
C LYS A 437 12.75 -18.15 17.31
N VAL A 438 12.55 -19.44 17.59
CA VAL A 438 12.54 -20.48 16.57
C VAL A 438 11.20 -21.22 16.63
N GLY A 439 10.22 -20.70 15.89
CA GLY A 439 8.86 -21.25 15.88
C GLY A 439 7.82 -20.26 16.34
N GLU A 440 6.77 -20.77 16.99
CA GLU A 440 5.66 -19.94 17.45
C GLU A 440 6.07 -19.08 18.65
N ALA A 441 5.67 -17.80 18.60
CA ALA A 441 6.00 -16.83 19.67
C ALA A 441 5.49 -17.25 21.05
N THR A 442 4.23 -17.69 21.08
CA THR A 442 3.59 -18.24 22.28
C THR A 442 4.45 -19.31 22.96
N GLU A 443 4.96 -20.25 22.16
CA GLU A 443 5.72 -21.39 22.67
C GLU A 443 7.12 -21.03 23.11
N THR A 444 7.79 -20.18 22.34
CA THR A 444 9.15 -19.74 22.65
C THR A 444 9.20 -18.92 23.94
N ALA A 445 8.09 -18.26 24.26
CA ALA A 445 7.95 -17.52 25.51
C ALA A 445 7.92 -18.49 26.70
N LEU A 446 7.39 -19.68 26.47
CA LEU A 446 7.38 -20.73 27.50
C LEU A 446 8.80 -21.27 27.68
N THR A 447 9.47 -21.48 26.55
CA THR A 447 10.87 -21.88 26.52
C THR A 447 11.73 -20.92 27.36
N THR A 448 11.51 -19.62 27.16
CA THR A 448 12.25 -18.60 27.90
C THR A 448 11.90 -18.64 29.39
N LEU A 449 10.62 -18.87 29.70
CA LEU A 449 10.13 -18.95 31.08
C LEU A 449 10.85 -19.99 31.93
N VAL A 450 11.04 -21.19 31.40
CA VAL A 450 11.64 -22.28 32.17
C VAL A 450 13.13 -22.06 32.42
N GLU A 451 13.78 -21.33 31.51
CA GLU A 451 15.17 -20.92 31.69
C GLU A 451 15.28 -19.93 32.84
N LYS A 452 14.29 -19.05 32.97
CA LYS A 452 14.25 -18.09 34.07
C LYS A 452 13.91 -18.79 35.38
N MET A 453 13.03 -19.79 35.30
CA MET A 453 12.58 -20.52 36.48
C MET A 453 13.69 -21.36 37.10
N ASN A 454 14.37 -22.16 36.28
CA ASN A 454 15.47 -23.02 36.71
C ASN A 454 15.09 -23.85 37.94
N VAL A 455 14.21 -24.81 37.72
CA VAL A 455 13.57 -25.56 38.81
C VAL A 455 14.46 -26.59 39.50
N PHE A 456 15.57 -26.95 38.85
CA PHE A 456 16.54 -27.88 39.44
C PHE A 456 17.91 -27.23 39.69
N ASN A 457 17.94 -25.90 39.63
CA ASN A 457 19.13 -25.09 39.95
C ASN A 457 20.42 -25.49 39.23
N THR A 458 20.33 -25.62 37.91
CA THR A 458 21.48 -25.96 37.07
C THR A 458 22.36 -24.73 36.86
N GLU A 459 23.67 -24.95 36.82
CA GLU A 459 24.65 -23.86 36.64
C GLU A 459 24.60 -23.28 35.22
N VAL A 460 24.03 -22.09 35.11
CA VAL A 460 23.86 -21.43 33.80
C VAL A 460 24.87 -20.32 33.54
N ARG A 461 25.51 -19.84 34.61
CA ARG A 461 26.51 -18.77 34.51
C ARG A 461 27.81 -19.23 33.85
N ASN A 462 28.03 -20.55 33.85
CA ASN A 462 29.24 -21.15 33.26
C ASN A 462 29.24 -21.18 31.72
N LEU A 463 28.05 -21.15 31.12
CA LEU A 463 27.90 -21.27 29.66
C LEU A 463 27.71 -19.92 28.97
N SER A 464 27.92 -19.90 27.66
CA SER A 464 27.80 -18.69 26.84
C SER A 464 26.36 -18.42 26.41
N LYS A 465 26.18 -17.38 25.58
CA LYS A 465 24.86 -16.94 25.10
C LYS A 465 24.10 -18.01 24.31
N VAL A 466 24.76 -18.63 23.34
CA VAL A 466 24.16 -19.66 22.49
C VAL A 466 23.98 -20.97 23.25
N GLU A 467 24.85 -21.21 24.23
CA GLU A 467 24.86 -22.47 24.99
C GLU A 467 23.81 -22.53 26.10
N ARG A 468 23.62 -21.42 26.81
CA ARG A 468 22.67 -21.40 27.93
C ARG A 468 21.23 -21.14 27.47
N ALA A 469 21.07 -20.82 26.18
CA ALA A 469 19.77 -20.55 25.58
C ALA A 469 18.77 -21.69 25.74
N ASN A 470 19.27 -22.91 25.88
CA ASN A 470 18.44 -24.11 26.07
C ASN A 470 18.92 -24.99 27.22
N ALA A 471 19.49 -24.38 28.26
CA ALA A 471 20.10 -25.11 29.36
C ALA A 471 19.11 -25.78 30.30
N CYS A 472 18.15 -25.01 30.81
CA CYS A 472 17.14 -25.54 31.73
C CYS A 472 16.15 -26.48 31.04
N ASN A 473 15.89 -26.19 29.76
CA ASN A 473 15.03 -27.05 28.93
C ASN A 473 15.61 -28.43 28.76
N SER A 474 16.91 -28.49 28.49
CA SER A 474 17.63 -29.74 28.25
C SER A 474 17.59 -30.67 29.46
N VAL A 475 17.62 -30.10 30.65
CA VAL A 475 17.52 -30.85 31.91
C VAL A 475 16.18 -31.60 31.97
N ILE A 476 15.10 -30.91 31.61
CA ILE A 476 13.76 -31.49 31.66
C ILE A 476 13.53 -32.55 30.59
N ARG A 477 14.10 -32.34 29.40
CA ARG A 477 14.00 -33.30 28.30
C ARG A 477 14.64 -34.65 28.64
N GLN A 478 15.68 -34.63 29.46
CA GLN A 478 16.39 -35.84 29.88
C GLN A 478 15.61 -36.63 30.94
N LEU A 479 14.56 -36.00 31.47
CA LEU A 479 13.75 -36.59 32.54
C LEU A 479 12.58 -37.40 31.98
N MET A 480 11.97 -36.91 30.90
CA MET A 480 10.87 -37.61 30.23
C MET A 480 11.17 -37.83 28.74
N LYS A 481 10.76 -38.99 28.22
CA LYS A 481 10.88 -39.27 26.79
C LYS A 481 9.57 -38.92 26.07
N LYS A 482 9.66 -38.03 25.08
CA LYS A 482 8.50 -37.62 24.29
C LYS A 482 8.17 -38.69 23.24
N GLU A 483 7.13 -39.48 23.51
CA GLU A 483 6.72 -40.55 22.60
C GLU A 483 6.13 -39.93 21.33
N PHE A 484 5.11 -39.08 21.51
CA PHE A 484 4.50 -38.36 20.40
C PHE A 484 3.83 -37.06 20.83
N THR A 485 3.33 -36.31 19.85
CA THR A 485 2.66 -35.05 20.12
C THR A 485 1.31 -34.98 19.41
N LEU A 486 0.30 -34.52 20.12
CA LEU A 486 -1.02 -34.25 19.55
C LEU A 486 -1.13 -32.76 19.25
N GLU A 487 -0.97 -32.42 17.98
CA GLU A 487 -0.86 -31.02 17.53
C GLU A 487 -2.06 -30.16 17.92
N PHE A 488 -1.79 -28.87 18.11
CA PHE A 488 -2.84 -27.89 18.37
C PHE A 488 -3.90 -27.89 17.28
N SER A 489 -5.16 -27.79 17.70
CA SER A 489 -6.27 -27.67 16.77
C SER A 489 -7.21 -26.56 17.23
N ARG A 490 -7.72 -25.80 16.28
CA ARG A 490 -8.58 -24.66 16.56
C ARG A 490 -9.92 -25.03 17.18
N ASP A 491 -10.40 -26.23 16.93
CA ASP A 491 -11.65 -26.69 17.53
C ASP A 491 -11.51 -26.93 19.05
N ARG A 492 -10.55 -27.74 19.46
CA ARG A 492 -10.36 -28.03 20.90
C ARG A 492 -9.49 -26.99 21.60
N LYS A 493 -8.78 -26.19 20.81
CA LYS A 493 -7.93 -25.11 21.32
C LYS A 493 -6.90 -25.57 22.35
N SER A 494 -6.33 -26.77 22.14
CA SER A 494 -5.26 -27.28 22.98
C SER A 494 -4.28 -28.17 22.23
N MET A 495 -3.14 -28.44 22.86
CA MET A 495 -2.22 -29.48 22.38
C MET A 495 -1.62 -30.26 23.55
N SER A 496 -1.12 -31.44 23.25
CA SER A 496 -0.55 -32.31 24.27
C SER A 496 0.62 -33.13 23.74
N VAL A 497 1.46 -33.59 24.67
CA VAL A 497 2.51 -34.55 24.38
C VAL A 497 2.31 -35.76 25.27
N TYR A 498 2.62 -36.94 24.73
CA TYR A 498 2.58 -38.17 25.48
C TYR A 498 4.01 -38.52 25.89
N CYS A 499 4.24 -38.66 27.20
CA CYS A 499 5.58 -38.89 27.69
C CYS A 499 5.69 -40.12 28.59
N SER A 500 6.82 -40.81 28.48
CA SER A 500 7.16 -41.95 29.32
C SER A 500 8.44 -41.65 30.09
N PRO A 501 8.56 -42.17 31.33
CA PRO A 501 9.78 -41.93 32.10
C PRO A 501 11.02 -42.43 31.36
N ALA A 502 12.10 -41.65 31.42
CA ALA A 502 13.37 -42.03 30.81
C ALA A 502 14.12 -43.01 31.71
N LYS A 503 13.85 -42.91 33.02
CA LYS A 503 14.48 -43.75 34.04
C LYS A 503 14.07 -45.24 33.94
N SER A 504 12.80 -45.47 33.62
CA SER A 504 12.24 -46.84 33.58
C SER A 504 12.47 -47.54 32.23
N SER A 505 12.37 -48.87 32.22
CA SER A 505 12.46 -49.64 30.97
C SER A 505 11.08 -50.13 30.51
N ARG A 506 10.85 -51.45 30.56
CA ARG A 506 9.58 -52.06 30.15
C ARG A 506 8.56 -52.06 31.30
N ALA A 507 8.08 -50.88 31.67
CA ALA A 507 7.14 -50.71 32.78
C ALA A 507 5.69 -50.71 32.29
N ALA A 508 4.76 -50.91 33.23
CA ALA A 508 3.32 -50.87 32.94
C ALA A 508 2.70 -49.49 33.19
N VAL A 509 3.19 -48.81 34.22
CA VAL A 509 2.70 -47.49 34.61
C VAL A 509 3.84 -46.44 34.58
N GLY A 510 3.48 -45.17 34.66
CA GLY A 510 4.46 -44.08 34.71
C GLY A 510 4.23 -42.98 33.69
N ASN A 511 3.53 -43.32 32.60
CA ASN A 511 3.33 -42.40 31.48
C ASN A 511 2.43 -41.23 31.81
N LYS A 512 2.71 -40.08 31.21
CA LYS A 512 1.92 -38.86 31.40
C LYS A 512 1.61 -38.19 30.06
N MET A 513 0.45 -37.53 30.00
CA MET A 513 0.18 -36.57 28.95
C MET A 513 0.27 -35.16 29.53
N PHE A 514 1.11 -34.33 28.91
CA PHE A 514 1.24 -32.93 29.29
C PHE A 514 0.50 -32.08 28.27
N VAL A 515 -0.41 -31.25 28.78
CA VAL A 515 -1.40 -30.57 27.94
C VAL A 515 -1.36 -29.06 28.15
N LYS A 516 -1.53 -28.33 27.04
CA LYS A 516 -1.44 -26.88 27.02
C LYS A 516 -2.49 -26.33 26.04
N GLY A 517 -3.13 -25.23 26.40
CA GLY A 517 -4.10 -24.59 25.50
C GLY A 517 -4.89 -23.45 26.10
N ALA A 518 -5.87 -22.96 25.34
CA ALA A 518 -6.80 -21.92 25.82
C ALA A 518 -7.47 -22.42 27.10
N PRO A 519 -7.63 -21.55 28.10
CA PRO A 519 -8.05 -22.00 29.43
C PRO A 519 -9.40 -22.70 29.45
N GLU A 520 -10.36 -22.16 28.70
CA GLU A 520 -11.74 -22.63 28.71
C GLU A 520 -11.86 -24.15 28.55
N GLY A 521 -11.59 -24.63 27.34
CA GLY A 521 -11.67 -26.05 27.01
C GLY A 521 -10.78 -26.93 27.87
N VAL A 522 -9.58 -26.46 28.17
CA VAL A 522 -8.64 -27.25 28.97
C VAL A 522 -9.22 -27.48 30.36
N ILE A 523 -9.69 -26.40 30.98
CA ILE A 523 -10.19 -26.43 32.36
C ILE A 523 -11.44 -27.31 32.51
N ASP A 524 -12.35 -27.21 31.53
CA ASP A 524 -13.56 -28.03 31.53
C ASP A 524 -13.27 -29.53 31.50
N ARG A 525 -12.15 -29.90 30.87
CA ARG A 525 -11.71 -31.30 30.75
C ARG A 525 -10.79 -31.75 31.89
N CYS A 526 -10.61 -30.88 32.88
CA CYS A 526 -9.91 -31.22 34.12
C CYS A 526 -10.88 -31.76 35.15
N ASN A 527 -10.57 -32.94 35.68
CA ASN A 527 -11.32 -33.53 36.79
C ASN A 527 -10.56 -33.37 38.10
N TYR A 528 -9.29 -33.03 37.99
CA TYR A 528 -8.41 -32.95 39.14
C TYR A 528 -7.65 -31.62 39.22
N VAL A 529 -7.18 -31.31 40.41
CA VAL A 529 -6.37 -30.11 40.64
C VAL A 529 -5.10 -30.53 41.38
N ARG A 530 -3.95 -30.13 40.85
CA ARG A 530 -2.69 -30.41 41.53
C ARG A 530 -2.42 -29.35 42.61
N VAL A 531 -2.09 -29.81 43.81
CA VAL A 531 -1.71 -28.94 44.94
C VAL A 531 -0.36 -29.44 45.46
N GLY A 532 0.71 -28.84 44.97
CA GLY A 532 2.06 -29.34 45.22
C GLY A 532 2.29 -30.63 44.45
N THR A 533 2.51 -31.72 45.18
CA THR A 533 2.64 -33.06 44.60
C THR A 533 1.33 -33.84 44.72
N THR A 534 0.41 -33.32 45.53
CA THR A 534 -0.86 -34.01 45.81
C THR A 534 -1.91 -33.70 44.75
N ARG A 535 -3.06 -34.33 44.87
CA ARG A 535 -4.14 -34.18 43.91
C ARG A 535 -5.50 -34.20 44.59
N VAL A 536 -6.33 -33.22 44.28
CA VAL A 536 -7.70 -33.14 44.79
C VAL A 536 -8.67 -33.09 43.62
N PRO A 537 -9.95 -33.46 43.84
CA PRO A 537 -10.91 -33.34 42.73
C PRO A 537 -11.21 -31.88 42.39
N MET A 538 -11.42 -31.62 41.10
CA MET A 538 -11.85 -30.30 40.65
C MET A 538 -13.26 -30.05 41.17
N THR A 539 -13.46 -28.90 41.80
CA THR A 539 -14.75 -28.54 42.37
C THR A 539 -15.11 -27.11 41.97
N GLY A 540 -16.39 -26.78 42.07
CA GLY A 540 -16.92 -25.46 41.74
C GLY A 540 -16.11 -24.27 42.25
N PRO A 541 -15.92 -24.16 43.58
CA PRO A 541 -15.21 -23.01 44.14
C PRO A 541 -13.80 -22.83 43.58
N VAL A 542 -13.11 -23.94 43.32
CA VAL A 542 -11.78 -23.92 42.72
C VAL A 542 -11.85 -23.39 41.28
N LYS A 543 -12.82 -23.89 40.51
CA LYS A 543 -13.00 -23.50 39.11
C LYS A 543 -13.28 -22.00 38.99
N GLU A 544 -14.18 -21.50 39.85
CA GLU A 544 -14.51 -20.07 39.90
C GLU A 544 -13.24 -19.23 40.06
N LYS A 545 -12.48 -19.54 41.10
CA LYS A 545 -11.23 -18.85 41.45
C LYS A 545 -10.25 -18.79 40.28
N ILE A 546 -10.04 -19.93 39.62
CA ILE A 546 -9.16 -20.02 38.45
C ILE A 546 -9.61 -19.10 37.31
N LEU A 547 -10.88 -19.22 36.93
CA LEU A 547 -11.45 -18.46 35.83
C LEU A 547 -11.46 -16.97 36.13
N SER A 548 -11.73 -16.63 37.39
CA SER A 548 -11.74 -15.26 37.87
C SER A 548 -10.41 -14.55 37.58
N VAL A 549 -9.31 -15.22 37.88
CA VAL A 549 -7.98 -14.65 37.67
C VAL A 549 -7.67 -14.56 36.18
N ILE A 550 -7.98 -15.63 35.44
CA ILE A 550 -7.82 -15.64 33.99
C ILE A 550 -8.58 -14.48 33.34
N LYS A 551 -9.83 -14.29 33.75
CA LYS A 551 -10.65 -13.20 33.23
C LYS A 551 -10.00 -11.85 33.52
N GLU A 552 -9.37 -11.73 34.68
CA GLU A 552 -8.75 -10.47 35.08
C GLU A 552 -7.46 -10.20 34.28
N TRP A 553 -6.62 -11.23 34.16
CA TRP A 553 -5.38 -11.16 33.40
C TRP A 553 -5.60 -10.92 31.90
N GLY A 554 -6.61 -11.57 31.34
CA GLY A 554 -6.88 -11.52 29.91
C GLY A 554 -7.77 -10.38 29.42
N THR A 555 -8.53 -9.77 30.33
CA THR A 555 -9.52 -8.77 29.95
C THR A 555 -9.30 -7.44 30.68
N GLY A 556 -8.46 -7.47 31.71
CA GLY A 556 -8.10 -6.27 32.45
C GLY A 556 -6.93 -5.55 31.81
N ARG A 557 -6.32 -4.62 32.54
CA ARG A 557 -5.24 -3.80 32.02
C ARG A 557 -3.97 -4.58 31.68
N ASP A 558 -3.82 -5.76 32.27
CA ASP A 558 -2.68 -6.63 31.95
C ASP A 558 -2.63 -7.03 30.47
N THR A 559 -3.80 -7.18 29.86
CA THR A 559 -3.96 -7.63 28.46
C THR A 559 -3.06 -8.83 28.10
N LEU A 560 -3.11 -9.87 28.91
CA LEU A 560 -2.25 -11.03 28.74
C LEU A 560 -2.99 -12.16 28.03
N ARG A 561 -2.28 -12.89 27.18
CA ARG A 561 -2.82 -14.14 26.62
C ARG A 561 -2.57 -15.23 27.66
N CYS A 562 -3.64 -15.88 28.09
CA CYS A 562 -3.54 -16.93 29.10
C CYS A 562 -3.56 -18.32 28.47
N LEU A 563 -2.73 -19.19 29.01
CA LEU A 563 -2.65 -20.58 28.59
C LEU A 563 -2.78 -21.43 29.86
N ALA A 564 -3.65 -22.43 29.80
CA ALA A 564 -3.80 -23.37 30.91
C ALA A 564 -2.93 -24.60 30.67
N LEU A 565 -2.26 -25.01 31.74
CA LEU A 565 -1.40 -26.17 31.70
C LEU A 565 -2.03 -27.26 32.57
N ALA A 566 -2.05 -28.48 32.03
CA ALA A 566 -2.68 -29.61 32.69
C ALA A 566 -1.92 -30.90 32.37
N THR A 567 -2.17 -31.94 33.17
CA THR A 567 -1.57 -33.25 32.96
C THR A 567 -2.64 -34.32 33.02
N ARG A 568 -2.59 -35.30 32.11
CA ARG A 568 -3.36 -36.51 32.33
C ARG A 568 -2.49 -37.49 33.09
N ASP A 569 -2.78 -37.64 34.39
CA ASP A 569 -2.03 -38.51 35.29
C ASP A 569 -2.07 -39.98 34.85
N THR A 570 -3.23 -40.43 34.40
CA THR A 570 -3.40 -41.79 33.89
C THR A 570 -3.88 -41.74 32.44
N PRO A 571 -2.93 -41.64 31.49
CA PRO A 571 -3.28 -41.51 30.10
C PRO A 571 -3.68 -42.87 29.51
N PRO A 572 -4.45 -42.87 28.41
CA PRO A 572 -4.82 -44.15 27.78
C PRO A 572 -3.58 -44.94 27.41
N LYS A 573 -3.69 -46.27 27.42
CA LYS A 573 -2.61 -47.13 26.94
C LYS A 573 -2.14 -46.65 25.57
N ARG A 574 -0.81 -46.69 25.39
CA ARG A 574 -0.15 -46.22 24.17
C ARG A 574 -0.73 -46.84 22.89
N GLU A 575 -0.97 -48.16 22.91
CA GLU A 575 -1.48 -48.89 21.73
C GLU A 575 -2.94 -48.59 21.42
N GLU A 576 -3.65 -48.02 22.39
CA GLU A 576 -5.08 -47.79 22.28
C GLU A 576 -5.40 -46.42 21.67
N MET A 577 -4.36 -45.74 21.19
CA MET A 577 -4.54 -44.39 20.66
C MET A 577 -4.38 -44.34 19.14
N VAL A 578 -5.34 -43.68 18.49
CA VAL A 578 -5.29 -43.49 17.04
C VAL A 578 -4.72 -42.10 16.76
N LEU A 579 -3.47 -42.09 16.30
CA LEU A 579 -2.70 -40.87 16.11
C LEU A 579 -2.98 -40.17 14.78
N ASP A 580 -3.71 -40.83 13.91
CA ASP A 580 -4.02 -40.30 12.58
C ASP A 580 -5.37 -39.58 12.54
N ASP A 581 -6.16 -39.74 13.61
CA ASP A 581 -7.49 -39.17 13.68
C ASP A 581 -7.55 -38.05 14.71
N SER A 582 -7.26 -36.83 14.26
CA SER A 582 -7.19 -35.66 15.16
C SER A 582 -8.52 -35.34 15.85
N SER A 583 -9.60 -35.91 15.33
CA SER A 583 -10.92 -35.78 15.93
C SER A 583 -11.06 -36.57 17.23
N ARG A 584 -10.13 -37.49 17.46
CA ARG A 584 -10.08 -38.23 18.73
C ARG A 584 -9.17 -37.58 19.78
N PHE A 585 -8.44 -36.52 19.39
CA PHE A 585 -7.42 -35.90 20.24
C PHE A 585 -7.98 -35.24 21.51
N MET A 586 -9.19 -34.67 21.41
CA MET A 586 -9.84 -34.09 22.59
C MET A 586 -10.16 -35.16 23.62
N GLU A 587 -10.73 -36.27 23.15
CA GLU A 587 -11.03 -37.44 23.98
C GLU A 587 -9.78 -37.94 24.73
N TYR A 588 -8.63 -37.92 24.06
CA TYR A 588 -7.38 -38.36 24.68
C TYR A 588 -6.92 -37.38 25.75
N GLU A 589 -7.28 -36.11 25.59
CA GLU A 589 -6.96 -35.06 26.56
C GLU A 589 -8.14 -34.80 27.50
N THR A 590 -8.63 -35.86 28.13
CA THR A 590 -9.70 -35.73 29.12
C THR A 590 -9.24 -36.31 30.44
N ASP A 591 -10.04 -36.10 31.49
CA ASP A 591 -9.74 -36.57 32.84
C ASP A 591 -8.40 -35.99 33.30
N LEU A 592 -8.19 -34.72 32.97
CA LEU A 592 -6.94 -34.04 33.22
C LEU A 592 -6.85 -33.51 34.64
N THR A 593 -5.63 -33.19 35.07
CA THR A 593 -5.35 -32.55 36.33
C THR A 593 -4.87 -31.14 36.04
N PHE A 594 -5.57 -30.14 36.56
CA PHE A 594 -5.13 -28.75 36.42
C PHE A 594 -3.81 -28.55 37.15
N VAL A 595 -2.83 -27.94 36.47
CA VAL A 595 -1.54 -27.62 37.09
C VAL A 595 -1.41 -26.12 37.28
N GLY A 596 -1.62 -25.35 36.22
CA GLY A 596 -1.51 -23.91 36.33
C GLY A 596 -1.85 -23.13 35.07
N VAL A 597 -1.67 -21.82 35.19
CA VAL A 597 -1.89 -20.88 34.11
C VAL A 597 -0.66 -19.98 33.97
N VAL A 598 -0.28 -19.69 32.73
CA VAL A 598 0.73 -18.68 32.42
C VAL A 598 0.08 -17.55 31.59
N GLY A 599 0.47 -16.31 31.85
CA GLY A 599 -0.06 -15.17 31.11
C GLY A 599 1.07 -14.43 30.45
N MET A 600 0.95 -14.21 29.14
CA MET A 600 2.04 -13.59 28.39
C MET A 600 1.62 -12.33 27.65
N LEU A 601 2.52 -11.36 27.62
CA LEU A 601 2.28 -10.10 26.94
C LEU A 601 3.10 -9.98 25.67
N ASP A 602 2.42 -9.59 24.59
CA ASP A 602 3.09 -9.10 23.38
C ASP A 602 2.94 -7.58 23.40
N PRO A 603 3.99 -6.86 23.85
CA PRO A 603 3.84 -5.43 24.12
C PRO A 603 3.68 -4.55 22.88
N PRO A 604 2.81 -3.52 22.96
CA PRO A 604 2.76 -2.45 21.99
C PRO A 604 4.14 -1.88 21.67
N ARG A 605 4.38 -1.58 20.40
CA ARG A 605 5.50 -0.77 19.95
C ARG A 605 5.54 0.52 20.75
N LYS A 606 6.74 0.96 21.13
CA LYS A 606 6.86 2.17 21.94
C LYS A 606 6.27 3.44 21.30
N GLU A 607 6.05 3.43 19.99
CA GLU A 607 5.54 4.61 19.28
C GLU A 607 4.04 4.57 18.93
N VAL A 608 3.44 3.37 18.93
CA VAL A 608 2.05 3.23 18.46
C VAL A 608 1.00 4.06 19.24
N MET A 609 1.13 4.12 20.57
CA MET A 609 0.15 4.86 21.39
C MET A 609 0.07 6.33 21.00
N GLY A 610 1.23 6.96 20.78
CA GLY A 610 1.30 8.31 20.22
C GLY A 610 0.74 8.43 18.80
N SER A 611 1.02 7.42 17.97
CA SER A 611 0.55 7.40 16.59
C SER A 611 -0.97 7.25 16.48
N ILE A 612 -1.56 6.47 17.37
CA ILE A 612 -3.03 6.34 17.44
C ILE A 612 -3.66 7.68 17.82
N GLN A 613 -2.99 8.43 18.70
CA GLN A 613 -3.44 9.78 19.06
C GLN A 613 -3.43 10.74 17.87
N LEU A 614 -2.36 10.70 17.08
CA LEU A 614 -2.26 11.50 15.86
C LEU A 614 -3.41 11.21 14.89
N CYS A 615 -3.78 9.93 14.81
CA CYS A 615 -4.91 9.51 13.97
C CYS A 615 -6.24 10.11 14.44
N ARG A 616 -6.49 10.04 15.74
CA ARG A 616 -7.64 10.73 16.37
C ARG A 616 -7.65 12.22 16.06
N ASP A 617 -6.48 12.86 16.10
CA ASP A 617 -6.36 14.30 15.84
C ASP A 617 -6.57 14.64 14.37
N ALA A 618 -6.28 13.66 13.50
CA ALA A 618 -6.39 13.84 12.07
C ALA A 618 -7.72 13.35 11.50
N GLY A 619 -8.61 12.88 12.38
CA GLY A 619 -9.88 12.29 11.97
C GLY A 619 -9.75 10.98 11.20
N ILE A 620 -8.68 10.24 11.46
CA ILE A 620 -8.49 8.95 10.83
C ILE A 620 -8.89 7.83 11.79
N ARG A 621 -9.84 7.00 11.37
CA ARG A 621 -10.25 5.83 12.13
C ARG A 621 -9.21 4.71 12.02
N VAL A 622 -8.96 4.03 13.12
CA VAL A 622 -8.05 2.89 13.13
C VAL A 622 -8.79 1.63 13.54
N ILE A 623 -8.66 0.60 12.71
CA ILE A 623 -9.25 -0.70 13.00
C ILE A 623 -8.15 -1.71 13.24
N MET A 624 -8.19 -2.35 14.42
CA MET A 624 -7.31 -3.46 14.73
C MET A 624 -7.87 -4.79 14.21
N ILE A 625 -7.00 -5.57 13.57
CA ILE A 625 -7.31 -6.94 13.18
C ILE A 625 -6.31 -7.86 13.88
N THR A 626 -6.82 -8.88 14.59
CA THR A 626 -5.96 -9.73 15.44
C THR A 626 -6.45 -11.17 15.56
N GLY A 627 -5.57 -12.06 15.98
CA GLY A 627 -5.91 -13.46 16.25
C GLY A 627 -6.22 -13.76 17.71
N ASP A 628 -6.12 -12.75 18.57
CA ASP A 628 -6.57 -12.84 19.97
C ASP A 628 -8.06 -13.13 20.02
N ASN A 629 -8.51 -13.77 21.10
CA ASN A 629 -9.93 -13.82 21.38
C ASN A 629 -10.48 -12.42 21.64
N LYS A 630 -11.78 -12.26 21.47
CA LYS A 630 -12.43 -10.95 21.47
C LYS A 630 -12.19 -10.14 22.75
N GLY A 631 -12.31 -10.79 23.90
CA GLY A 631 -12.11 -10.12 25.19
C GLY A 631 -10.73 -9.50 25.31
N THR A 632 -9.73 -10.25 24.88
CA THR A 632 -8.34 -9.80 24.91
C THR A 632 -8.09 -8.75 23.83
N ALA A 633 -8.65 -8.98 22.64
CA ALA A 633 -8.58 -7.98 21.57
C ALA A 633 -9.03 -6.60 22.06
N ILE A 634 -10.22 -6.57 22.66
CA ILE A 634 -10.82 -5.32 23.16
C ILE A 634 -9.95 -4.68 24.24
N ALA A 635 -9.49 -5.51 25.19
CA ALA A 635 -8.56 -5.07 26.21
C ALA A 635 -7.34 -4.39 25.61
N ILE A 636 -6.79 -4.96 24.53
CA ILE A 636 -5.62 -4.38 23.88
C ILE A 636 -5.93 -3.05 23.19
N CYS A 637 -7.10 -2.96 22.56
CA CYS A 637 -7.54 -1.73 21.91
C CYS A 637 -7.67 -0.61 22.93
N ARG A 638 -8.22 -0.93 24.10
CA ARG A 638 -8.31 0.01 25.21
C ARG A 638 -6.92 0.45 25.63
N ARG A 639 -6.02 -0.52 25.78
CA ARG A 639 -4.64 -0.25 26.22
C ARG A 639 -3.90 0.73 25.30
N ILE A 640 -4.04 0.55 23.99
CA ILE A 640 -3.28 1.37 23.05
C ILE A 640 -3.99 2.63 22.56
N GLY A 641 -5.25 2.83 22.97
CA GLY A 641 -5.97 4.05 22.65
C GLY A 641 -7.06 3.97 21.60
N ILE A 642 -7.21 2.82 20.93
CA ILE A 642 -8.29 2.62 19.96
C ILE A 642 -9.66 2.80 20.64
N PHE A 643 -9.85 2.12 21.77
CA PHE A 643 -11.02 2.36 22.61
C PHE A 643 -10.62 3.11 23.87
N GLY A 644 -11.57 3.88 24.40
CA GLY A 644 -11.43 4.49 25.73
C GLY A 644 -11.47 3.42 26.81
N GLU A 645 -10.82 3.72 27.93
CA GLU A 645 -10.71 2.82 29.07
C GLU A 645 -12.07 2.32 29.57
N ASN A 646 -13.08 3.18 29.51
CA ASN A 646 -14.38 2.91 30.11
C ASN A 646 -15.57 2.94 29.17
N GLU A 647 -15.32 3.20 27.88
CA GLU A 647 -16.41 3.35 26.91
C GLU A 647 -17.01 2.00 26.50
N GLU A 648 -18.27 2.03 26.10
CA GLU A 648 -18.99 0.83 25.69
C GLU A 648 -18.59 0.48 24.26
N VAL A 649 -18.41 -0.82 23.98
CA VAL A 649 -17.86 -1.26 22.69
C VAL A 649 -18.58 -2.46 22.07
N ALA A 650 -19.68 -2.89 22.66
CA ALA A 650 -20.41 -4.09 22.21
C ALA A 650 -20.69 -4.13 20.70
N ASP A 651 -21.08 -2.99 20.13
CA ASP A 651 -21.35 -2.89 18.71
C ASP A 651 -20.17 -2.27 17.92
N ARG A 652 -18.97 -2.37 18.46
CA ARG A 652 -17.77 -1.79 17.81
C ARG A 652 -16.62 -2.80 17.74
N ALA A 653 -16.87 -4.01 18.22
CA ALA A 653 -15.91 -5.11 18.11
C ALA A 653 -16.63 -6.38 17.72
N TYR A 654 -16.04 -7.13 16.78
CA TYR A 654 -16.66 -8.35 16.24
C TYR A 654 -15.64 -9.43 15.94
N THR A 655 -16.01 -10.68 16.23
CA THR A 655 -15.26 -11.84 15.74
C THR A 655 -15.76 -12.12 14.34
N GLY A 656 -14.99 -12.95 13.61
CA GLY A 656 -15.43 -13.46 12.31
C GLY A 656 -16.78 -14.13 12.39
N ARG A 657 -16.94 -15.02 13.38
CA ARG A 657 -18.21 -15.72 13.60
C ARG A 657 -19.38 -14.75 13.74
N GLU A 658 -19.27 -13.82 14.68
CA GLU A 658 -20.32 -12.83 14.94
C GLU A 658 -20.68 -12.03 13.69
N PHE A 659 -19.65 -11.59 12.97
CA PHE A 659 -19.80 -10.82 11.74
C PHE A 659 -20.50 -11.61 10.63
N ASP A 660 -20.22 -12.90 10.53
CA ASP A 660 -20.85 -13.77 9.51
C ASP A 660 -22.31 -14.05 9.81
N ASP A 661 -22.67 -14.02 11.10
CA ASP A 661 -24.05 -14.27 11.54
C ASP A 661 -24.95 -13.04 11.33
N LEU A 662 -24.34 -11.90 11.03
CA LEU A 662 -25.07 -10.70 10.67
C LEU A 662 -25.47 -10.75 9.19
N PRO A 663 -26.73 -10.36 8.88
CA PRO A 663 -27.12 -10.18 7.48
C PRO A 663 -26.34 -9.04 6.82
N LEU A 664 -26.30 -9.05 5.49
CA LEU A 664 -25.49 -8.10 4.71
C LEU A 664 -25.59 -6.63 5.13
N ALA A 665 -26.82 -6.18 5.40
CA ALA A 665 -27.08 -4.80 5.81
C ALA A 665 -26.47 -4.45 7.17
N GLU A 666 -26.53 -5.39 8.09
CA GLU A 666 -25.93 -5.23 9.43
C GLU A 666 -24.41 -5.31 9.37
N GLN A 667 -23.88 -6.10 8.43
CA GLN A 667 -22.44 -6.23 8.22
C GLN A 667 -21.82 -4.91 7.77
N ARG A 668 -22.52 -4.21 6.88
CA ARG A 668 -22.10 -2.92 6.36
C ARG A 668 -22.06 -1.89 7.48
N GLU A 669 -23.15 -1.82 8.24
CA GLU A 669 -23.29 -0.92 9.37
C GLU A 669 -22.22 -1.18 10.43
N ALA A 670 -21.95 -2.46 10.71
CA ALA A 670 -20.90 -2.83 11.65
C ALA A 670 -19.56 -2.22 11.23
N CYS A 671 -19.25 -2.30 9.93
CA CYS A 671 -18.00 -1.77 9.40
C CYS A 671 -17.81 -0.26 9.53
N ARG A 672 -18.91 0.49 9.63
CA ARG A 672 -18.77 1.93 9.75
C ARG A 672 -18.39 2.36 11.17
N ARG A 673 -18.78 1.55 12.17
CA ARG A 673 -18.48 1.85 13.58
C ARG A 673 -17.39 0.97 14.20
N ALA A 674 -17.15 -0.20 13.61
CA ALA A 674 -16.19 -1.18 14.15
C ALA A 674 -14.76 -0.65 14.20
N CYS A 675 -14.03 -1.06 15.23
CA CYS A 675 -12.65 -0.67 15.40
C CYS A 675 -11.80 -1.87 15.78
N CYS A 676 -12.44 -3.02 15.95
CA CYS A 676 -11.75 -4.22 16.37
C CYS A 676 -12.37 -5.47 15.73
N PHE A 677 -11.54 -6.22 15.01
CA PHE A 677 -11.95 -7.49 14.44
C PHE A 677 -11.02 -8.59 14.94
N ALA A 678 -11.60 -9.54 15.66
CA ALA A 678 -10.84 -10.65 16.23
C ALA A 678 -11.21 -11.96 15.54
N ARG A 679 -10.19 -12.73 15.18
CA ARG A 679 -10.39 -14.03 14.53
C ARG A 679 -11.29 -13.95 13.29
N VAL A 680 -10.76 -13.29 12.27
CA VAL A 680 -11.39 -13.23 10.96
C VAL A 680 -10.59 -14.09 9.98
N GLU A 681 -11.15 -14.32 8.81
CA GLU A 681 -10.47 -15.08 7.77
C GLU A 681 -9.98 -14.13 6.66
N PRO A 682 -9.08 -14.60 5.78
CA PRO A 682 -8.59 -13.71 4.69
C PRO A 682 -9.74 -13.02 3.95
N SER A 683 -10.80 -13.77 3.65
CA SER A 683 -12.01 -13.24 3.00
C SER A 683 -12.63 -12.00 3.68
N HIS A 684 -12.52 -11.90 5.01
CA HIS A 684 -13.10 -10.77 5.76
C HIS A 684 -12.43 -9.43 5.42
N LYS A 685 -11.11 -9.44 5.28
CA LYS A 685 -10.36 -8.25 4.87
C LYS A 685 -10.94 -7.60 3.61
N SER A 686 -11.19 -8.42 2.59
CA SER A 686 -11.83 -7.98 1.35
C SER A 686 -13.23 -7.42 1.57
N LYS A 687 -14.06 -8.13 2.34
CA LYS A 687 -15.42 -7.66 2.63
C LYS A 687 -15.41 -6.34 3.41
N ILE A 688 -14.46 -6.22 4.34
CA ILE A 688 -14.33 -5.00 5.14
C ILE A 688 -14.00 -3.80 4.24
N VAL A 689 -13.09 -3.99 3.29
CA VAL A 689 -12.73 -2.95 2.31
C VAL A 689 -13.92 -2.52 1.46
N GLU A 690 -14.66 -3.49 0.92
CA GLU A 690 -15.87 -3.22 0.14
C GLU A 690 -16.84 -2.34 0.92
N TYR A 691 -17.17 -2.77 2.14
CA TYR A 691 -18.09 -2.04 3.01
C TYR A 691 -17.61 -0.63 3.33
N LEU A 692 -16.31 -0.49 3.56
CA LEU A 692 -15.71 0.82 3.79
C LEU A 692 -15.82 1.70 2.55
N GLN A 693 -15.63 1.09 1.38
CA GLN A 693 -15.74 1.80 0.09
C GLN A 693 -17.15 2.24 -0.26
N SER A 694 -18.16 1.57 0.30
CA SER A 694 -19.56 1.97 0.08
C SER A 694 -19.97 3.15 0.99
N TYR A 695 -19.10 3.50 1.92
CA TYR A 695 -19.24 4.76 2.66
C TYR A 695 -18.24 5.79 2.17
N ASP A 696 -17.60 5.49 1.03
CA ASP A 696 -16.59 6.36 0.40
C ASP A 696 -15.35 6.64 1.27
N GLU A 697 -15.03 5.73 2.18
CA GLU A 697 -13.79 5.81 2.95
C GLU A 697 -12.60 5.55 2.02
N ILE A 698 -11.48 6.18 2.32
CA ILE A 698 -10.21 5.86 1.69
C ILE A 698 -9.45 4.98 2.67
N THR A 699 -9.32 3.71 2.32
CA THR A 699 -8.86 2.68 3.24
C THR A 699 -7.42 2.27 3.00
N ALA A 700 -6.64 2.28 4.07
CA ALA A 700 -5.34 1.64 4.11
C ALA A 700 -5.50 0.30 4.82
N MET A 701 -4.93 -0.75 4.23
CA MET A 701 -5.04 -2.10 4.76
C MET A 701 -3.68 -2.79 4.75
N THR A 702 -3.31 -3.38 5.88
CA THR A 702 -2.05 -4.14 5.98
C THR A 702 -2.23 -5.59 5.52
N GLY A 703 -1.11 -6.24 5.20
CA GLY A 703 -1.11 -7.63 4.74
C GLY A 703 0.32 -8.09 4.58
N ASP A 704 0.54 -9.41 4.55
CA ASP A 704 1.92 -9.93 4.45
C ASP A 704 2.06 -11.20 3.61
N GLY A 705 0.96 -11.93 3.42
CA GLY A 705 0.99 -13.20 2.70
C GLY A 705 0.24 -13.17 1.39
N VAL A 706 0.30 -14.27 0.64
CA VAL A 706 -0.42 -14.40 -0.61
C VAL A 706 -1.93 -14.26 -0.39
N ASN A 707 -2.40 -14.74 0.75
CA ASN A 707 -3.81 -14.68 1.12
C ASN A 707 -4.30 -13.23 1.38
N ASP A 708 -3.36 -12.32 1.61
CA ASP A 708 -3.67 -10.91 1.86
C ASP A 708 -3.75 -10.12 0.54
N ALA A 709 -3.23 -10.71 -0.54
CA ALA A 709 -3.13 -10.00 -1.84
C ALA A 709 -4.45 -9.44 -2.41
N PRO A 710 -5.56 -10.21 -2.33
CA PRO A 710 -6.83 -9.64 -2.80
C PRO A 710 -7.21 -8.34 -2.08
N ALA A 711 -7.09 -8.32 -0.75
CA ALA A 711 -7.49 -7.16 0.05
C ALA A 711 -6.53 -6.01 -0.18
N LEU A 712 -5.25 -6.33 -0.31
CA LEU A 712 -4.22 -5.32 -0.54
C LEU A 712 -4.47 -4.62 -1.86
N LYS A 713 -4.86 -5.41 -2.85
CA LYS A 713 -5.15 -4.90 -4.18
C LYS A 713 -6.42 -4.04 -4.18
N LYS A 714 -7.41 -4.43 -3.40
CA LYS A 714 -8.69 -3.70 -3.37
C LYS A 714 -8.65 -2.40 -2.55
N ALA A 715 -7.90 -2.37 -1.45
CA ALA A 715 -7.81 -1.16 -0.63
C ALA A 715 -7.18 -0.02 -1.43
N GLU A 716 -7.57 1.22 -1.14
CA GLU A 716 -6.98 2.36 -1.83
C GLU A 716 -5.47 2.38 -1.61
N ILE A 717 -5.04 2.09 -0.38
CA ILE A 717 -3.63 1.95 -0.06
C ILE A 717 -3.36 0.58 0.57
N GLY A 718 -2.92 -0.37 -0.24
CA GLY A 718 -2.46 -1.66 0.26
C GLY A 718 -1.11 -1.45 0.90
N ILE A 719 -0.95 -1.95 2.12
CA ILE A 719 0.31 -1.79 2.84
C ILE A 719 0.88 -3.15 3.23
N ALA A 720 2.06 -3.45 2.67
CA ALA A 720 2.72 -4.72 2.88
C ALA A 720 3.83 -4.59 3.90
N MET A 721 4.14 -5.70 4.57
CA MET A 721 5.23 -5.74 5.53
C MET A 721 6.55 -5.96 4.83
N GLY A 722 7.59 -5.26 5.28
CA GLY A 722 8.96 -5.49 4.79
C GLY A 722 9.40 -6.94 4.93
N SER A 723 8.94 -7.59 5.99
CA SER A 723 9.31 -8.98 6.28
C SER A 723 8.38 -10.00 5.63
N GLY A 724 7.37 -9.52 4.91
CA GLY A 724 6.36 -10.38 4.28
C GLY A 724 6.77 -10.88 2.91
N THR A 725 5.83 -11.55 2.23
CA THR A 725 6.10 -12.15 0.92
C THR A 725 6.23 -11.11 -0.19
N ALA A 726 6.93 -11.49 -1.26
CA ALA A 726 7.11 -10.63 -2.41
C ALA A 726 5.77 -10.35 -3.11
N VAL A 727 4.91 -11.37 -3.14
CA VAL A 727 3.58 -11.25 -3.72
C VAL A 727 2.78 -10.12 -3.04
N ALA A 728 2.73 -10.15 -1.71
CA ALA A 728 2.07 -9.09 -0.95
C ALA A 728 2.63 -7.72 -1.30
N LYS A 729 3.95 -7.64 -1.44
CA LYS A 729 4.62 -6.38 -1.77
C LYS A 729 4.22 -5.87 -3.15
N THR A 730 4.14 -6.77 -4.13
CA THR A 730 3.81 -6.37 -5.50
C THR A 730 2.33 -6.01 -5.64
N ALA A 731 1.51 -6.45 -4.70
CA ALA A 731 0.09 -6.09 -4.66
C ALA A 731 -0.16 -4.79 -3.91
N SER A 732 0.90 -4.19 -3.37
CA SER A 732 0.76 -3.01 -2.51
C SER A 732 1.26 -1.70 -3.12
N GLU A 733 0.71 -0.61 -2.58
CA GLU A 733 1.16 0.75 -2.88
C GLU A 733 2.35 1.14 -2.01
N MET A 734 2.43 0.53 -0.82
CA MET A 734 3.43 0.90 0.17
C MET A 734 3.96 -0.34 0.91
N VAL A 735 5.24 -0.30 1.26
CA VAL A 735 5.89 -1.37 2.01
C VAL A 735 6.50 -0.79 3.28
N LEU A 736 6.20 -1.40 4.42
CA LEU A 736 6.76 -0.96 5.70
C LEU A 736 8.08 -1.68 5.97
N ALA A 737 9.19 -0.95 5.84
CA ALA A 737 10.52 -1.52 6.01
C ALA A 737 10.71 -2.07 7.43
N ASP A 738 10.21 -1.34 8.42
CA ASP A 738 10.31 -1.73 9.82
C ASP A 738 9.03 -2.42 10.36
N ASP A 739 8.04 -2.62 9.48
CA ASP A 739 6.76 -3.26 9.84
C ASP A 739 5.88 -2.44 10.82
N ASN A 740 6.33 -1.24 11.18
CA ASN A 740 5.74 -0.44 12.26
C ASN A 740 4.52 0.38 11.83
N PHE A 741 3.42 0.22 12.57
CA PHE A 741 2.22 1.04 12.38
C PHE A 741 2.52 2.54 12.33
N SER A 742 3.48 2.98 13.13
CA SER A 742 3.85 4.40 13.18
C SER A 742 4.38 4.90 11.84
N THR A 743 4.93 3.98 11.05
CA THR A 743 5.43 4.31 9.72
C THR A 743 4.25 4.71 8.81
N ILE A 744 3.12 4.01 8.95
CA ILE A 744 1.91 4.34 8.20
C ILE A 744 1.47 5.79 8.47
N VAL A 745 1.36 6.13 9.76
CA VAL A 745 0.89 7.44 10.19
C VAL A 745 1.83 8.53 9.70
N ALA A 746 3.13 8.29 9.83
CA ALA A 746 4.15 9.23 9.37
C ALA A 746 4.13 9.39 7.85
N ALA A 747 3.69 8.34 7.16
CA ALA A 747 3.52 8.40 5.71
C ALA A 747 2.26 9.17 5.30
N VAL A 748 1.21 9.08 6.13
CA VAL A 748 -0.01 9.85 5.89
C VAL A 748 0.26 11.35 6.02
N GLU A 749 0.95 11.74 7.10
CA GLU A 749 1.33 13.14 7.33
C GLU A 749 2.15 13.68 6.17
N GLU A 750 3.22 12.97 5.83
CA GLU A 750 4.09 13.32 4.73
C GLU A 750 3.29 13.47 3.42
N GLY A 751 2.32 12.58 3.22
CA GLY A 751 1.41 12.67 2.07
C GLY A 751 0.52 13.89 2.07
N ARG A 752 0.04 14.27 3.25
CA ARG A 752 -0.76 15.49 3.40
C ARG A 752 0.06 16.72 3.02
N ALA A 753 1.32 16.74 3.49
CA ALA A 753 2.22 17.87 3.24
C ALA A 753 2.62 17.96 1.76
N ILE A 754 2.87 16.82 1.13
CA ILE A 754 3.23 16.80 -0.29
C ILE A 754 2.07 17.33 -1.14
N TYR A 755 0.85 16.85 -0.89
CA TYR A 755 -0.33 17.31 -1.62
C TYR A 755 -0.55 18.82 -1.54
N ASN A 756 -0.42 19.38 -0.34
CA ASN A 756 -0.58 20.83 -0.16
C ASN A 756 0.34 21.64 -1.07
N ASN A 757 1.62 21.25 -1.12
CA ASN A 757 2.60 21.87 -2.02
C ASN A 757 2.28 21.61 -3.49
N MET A 758 1.80 20.40 -3.79
CA MET A 758 1.37 20.06 -5.15
C MET A 758 0.26 20.98 -5.61
N LYS A 759 -0.69 21.26 -4.72
CA LYS A 759 -1.82 22.10 -5.03
C LYS A 759 -1.35 23.49 -5.44
N GLN A 760 -0.37 24.02 -4.71
CA GLN A 760 0.18 25.32 -5.03
C GLN A 760 0.84 25.39 -6.40
N PHE A 761 1.63 24.38 -6.76
CA PHE A 761 2.33 24.43 -8.04
C PHE A 761 1.46 24.06 -9.23
N ILE A 762 0.40 23.30 -8.97
CA ILE A 762 -0.61 23.00 -9.98
C ILE A 762 -1.38 24.27 -10.29
N ARG A 763 -1.77 24.99 -9.23
CA ARG A 763 -2.50 26.24 -9.39
C ARG A 763 -1.61 27.29 -10.03
N TYR A 764 -0.32 27.26 -9.70
CA TYR A 764 0.65 28.19 -10.29
C TYR A 764 0.83 27.98 -11.80
N LEU A 765 1.01 26.72 -12.19
CA LEU A 765 1.24 26.39 -13.60
C LEU A 765 0.00 26.61 -14.45
N ILE A 766 -1.15 26.24 -13.92
CA ILE A 766 -2.41 26.35 -14.65
C ILE A 766 -2.83 27.81 -14.82
N SER A 767 -2.67 28.60 -13.75
CA SER A 767 -2.97 30.03 -13.82
C SER A 767 -2.17 30.76 -14.90
N SER A 768 -0.90 30.37 -15.07
CA SER A 768 -0.09 30.92 -16.15
C SER A 768 -0.68 30.59 -17.53
N ASN A 769 -1.19 29.37 -17.68
CA ASN A 769 -1.85 28.97 -18.93
C ASN A 769 -3.12 29.79 -19.20
N VAL A 770 -3.88 30.08 -18.15
CA VAL A 770 -5.02 31.00 -18.23
C VAL A 770 -4.57 32.36 -18.78
N GLY A 771 -3.43 32.85 -18.31
CA GLY A 771 -2.89 34.13 -18.76
C GLY A 771 -2.38 34.12 -20.19
N GLU A 772 -1.76 33.01 -20.59
CA GLU A 772 -1.22 32.85 -21.94
C GLU A 772 -2.34 32.78 -22.98
N VAL A 773 -3.43 32.11 -22.61
CA VAL A 773 -4.60 31.99 -23.48
C VAL A 773 -5.28 33.34 -23.71
N VAL A 774 -5.41 34.14 -22.66
CA VAL A 774 -5.97 35.48 -22.78
C VAL A 774 -5.13 36.30 -23.76
N CYS A 775 -3.81 36.23 -23.62
CA CYS A 775 -2.90 36.91 -24.54
C CYS A 775 -3.16 36.53 -25.98
N ILE A 776 -3.23 35.22 -26.25
CA ILE A 776 -3.52 34.73 -27.60
C ILE A 776 -4.92 35.14 -28.07
N PHE A 777 -5.93 35.00 -27.21
CA PHE A 777 -7.28 35.43 -27.56
C PHE A 777 -7.35 36.94 -27.84
N LEU A 778 -6.67 37.74 -27.02
CA LEU A 778 -6.64 39.19 -27.22
C LEU A 778 -6.03 39.59 -28.55
N THR A 779 -4.90 38.96 -28.90
CA THR A 779 -4.22 39.27 -30.16
C THR A 779 -5.03 38.83 -31.39
N ALA A 780 -5.79 37.74 -31.23
CA ALA A 780 -6.67 37.25 -32.29
C ALA A 780 -7.95 38.09 -32.37
N ALA A 781 -8.38 38.64 -31.24
CA ALA A 781 -9.60 39.46 -31.18
C ALA A 781 -9.35 40.88 -31.66
N LEU A 782 -8.17 41.42 -31.37
CA LEU A 782 -7.82 42.77 -31.77
C LEU A 782 -7.02 42.82 -33.07
N GLY A 783 -6.89 41.66 -33.74
CA GLY A 783 -6.19 41.56 -35.03
C GLY A 783 -4.73 41.98 -34.99
N LEU A 784 -4.12 41.92 -33.81
CA LEU A 784 -2.73 42.28 -33.60
C LEU A 784 -1.78 41.20 -34.10
N PRO A 785 -0.50 41.57 -34.34
CA PRO A 785 0.52 40.57 -34.65
C PRO A 785 0.82 39.70 -33.43
N GLU A 786 1.26 38.47 -33.67
CA GLU A 786 1.53 37.51 -32.60
C GLU A 786 2.55 38.06 -31.59
N ALA A 787 2.08 38.28 -30.37
CA ALA A 787 2.94 38.74 -29.28
C ALA A 787 3.78 37.59 -28.72
N LEU A 788 3.23 36.38 -28.79
CA LEU A 788 3.91 35.18 -28.30
C LEU A 788 3.73 34.01 -29.27
N ILE A 789 4.83 33.33 -29.55
CA ILE A 789 4.81 32.17 -30.45
C ILE A 789 4.99 30.86 -29.67
N PRO A 790 4.47 29.74 -30.21
CA PRO A 790 4.50 28.42 -29.57
C PRO A 790 5.85 28.02 -28.99
N VAL A 791 6.92 28.26 -29.73
CA VAL A 791 8.28 27.91 -29.29
C VAL A 791 8.64 28.63 -27.98
N GLN A 792 8.29 29.90 -27.89
CA GLN A 792 8.47 30.69 -26.67
C GLN A 792 7.60 30.17 -25.53
N LEU A 793 6.32 29.96 -25.82
CA LEU A 793 5.35 29.43 -24.86
C LEU A 793 5.78 28.09 -24.27
N LEU A 794 6.35 27.23 -25.12
CA LEU A 794 6.85 25.93 -24.69
C LEU A 794 8.03 26.07 -23.74
N TRP A 795 8.95 26.98 -24.05
CA TRP A 795 10.11 27.24 -23.20
C TRP A 795 9.67 27.69 -21.80
N VAL A 796 8.67 28.56 -21.75
CA VAL A 796 8.17 29.10 -20.49
C VAL A 796 7.53 28.02 -19.64
N ASN A 797 6.71 27.19 -20.26
CA ASN A 797 5.95 26.15 -19.55
C ASN A 797 6.78 24.95 -19.13
N LEU A 798 7.81 24.64 -19.91
CA LEU A 798 8.72 23.54 -19.62
C LEU A 798 9.82 23.93 -18.64
N VAL A 799 10.51 25.04 -18.95
CA VAL A 799 11.74 25.40 -18.25
C VAL A 799 11.51 26.56 -17.28
N THR A 800 11.19 27.73 -17.83
CA THR A 800 11.09 28.97 -17.04
C THR A 800 10.17 28.84 -15.82
N ASP A 801 9.00 28.26 -16.01
CA ASP A 801 8.05 28.08 -14.90
C ASP A 801 8.22 26.75 -14.19
N GLY A 802 8.82 25.78 -14.87
CA GLY A 802 9.05 24.45 -14.33
C GLY A 802 9.89 24.44 -13.08
N LEU A 803 10.90 25.31 -13.03
CA LEU A 803 11.78 25.41 -11.86
C LEU A 803 11.10 26.01 -10.62
N PRO A 804 10.42 27.16 -10.76
CA PRO A 804 9.65 27.70 -9.63
C PRO A 804 8.50 26.80 -9.21
N ALA A 805 7.90 26.09 -10.18
CA ALA A 805 6.88 25.09 -9.89
C ALA A 805 7.45 24.01 -8.97
N THR A 806 8.58 23.45 -9.35
CA THR A 806 9.29 22.43 -8.57
C THR A 806 9.73 22.96 -7.21
N ALA A 807 10.15 24.23 -7.16
CA ALA A 807 10.56 24.86 -5.91
C ALA A 807 9.39 24.97 -4.92
N LEU A 808 8.21 25.31 -5.44
CA LEU A 808 6.98 25.38 -4.63
C LEU A 808 6.66 24.05 -3.98
N GLY A 809 7.13 22.97 -4.59
CA GLY A 809 7.04 21.63 -4.00
C GLY A 809 7.74 21.52 -2.67
N PHE A 810 8.69 22.44 -2.41
CA PHE A 810 9.42 22.46 -1.14
C PHE A 810 8.91 23.52 -0.15
N ASN A 811 7.73 24.09 -0.41
CA ASN A 811 7.07 24.96 0.57
C ASN A 811 7.00 24.29 1.94
N PRO A 812 7.33 25.03 3.02
CA PRO A 812 7.18 24.48 4.38
C PRO A 812 5.73 24.06 4.65
N PRO A 813 5.55 22.99 5.45
CA PRO A 813 4.18 22.55 5.67
C PRO A 813 3.54 23.29 6.84
N ASP A 814 2.22 23.40 6.81
CA ASP A 814 1.47 24.01 7.90
C ASP A 814 1.64 23.20 9.18
N LEU A 815 1.70 23.90 10.30
CA LEU A 815 1.94 23.29 11.61
C LEU A 815 0.74 22.50 12.14
N ASP A 816 -0.44 22.80 11.60
CA ASP A 816 -1.68 22.14 12.00
C ASP A 816 -2.07 20.97 11.09
N ILE A 817 -1.12 20.53 10.26
CA ILE A 817 -1.32 19.45 9.27
C ILE A 817 -2.10 18.23 9.78
N MET A 818 -1.71 17.69 10.93
CA MET A 818 -2.35 16.49 11.48
C MET A 818 -3.46 16.83 12.49
N ASP A 819 -4.01 18.04 12.37
CA ASP A 819 -5.08 18.50 13.26
C ASP A 819 -6.39 18.79 12.52
N ARG A 820 -6.43 18.44 11.23
CA ARG A 820 -7.64 18.56 10.43
C ARG A 820 -8.14 17.21 9.93
N PRO A 821 -9.45 17.10 9.66
CA PRO A 821 -10.05 15.87 9.13
C PRO A 821 -9.45 15.52 7.76
N PRO A 822 -9.62 14.26 7.31
CA PRO A 822 -9.08 13.88 6.00
C PRO A 822 -9.66 14.72 4.88
N ARG A 823 -8.82 15.10 3.92
CA ARG A 823 -9.24 15.86 2.75
C ARG A 823 -10.29 15.10 1.96
N SER A 824 -11.33 15.81 1.55
CA SER A 824 -12.39 15.22 0.72
C SER A 824 -11.85 14.93 -0.68
N PRO A 825 -12.03 13.69 -1.15
CA PRO A 825 -11.61 13.30 -2.50
C PRO A 825 -12.17 14.21 -3.57
N LYS A 826 -13.39 14.72 -3.37
CA LYS A 826 -14.11 15.51 -4.36
C LYS A 826 -13.79 17.01 -4.30
N GLU A 827 -12.86 17.40 -3.42
CA GLU A 827 -12.48 18.80 -3.25
C GLU A 827 -11.80 19.34 -4.51
N PRO A 828 -12.39 20.37 -5.15
CA PRO A 828 -11.81 20.95 -6.37
C PRO A 828 -10.54 21.75 -6.05
N LEU A 829 -9.57 21.70 -6.95
CA LEU A 829 -8.30 22.42 -6.76
C LEU A 829 -8.49 23.93 -6.86
N ILE A 830 -9.36 24.35 -7.77
CA ILE A 830 -9.65 25.78 -7.97
C ILE A 830 -11.16 25.97 -8.13
N SER A 831 -11.74 26.78 -7.23
CA SER A 831 -13.16 27.10 -7.25
C SER A 831 -13.46 28.35 -6.44
N GLY A 832 -14.67 28.87 -6.59
CA GLY A 832 -15.15 30.01 -5.80
C GLY A 832 -14.32 31.27 -6.03
N TRP A 833 -13.87 31.87 -4.93
CA TRP A 833 -13.09 33.12 -4.98
C TRP A 833 -11.75 32.94 -5.69
N LEU A 834 -11.14 31.78 -5.52
CA LEU A 834 -9.85 31.47 -6.12
C LEU A 834 -9.94 31.42 -7.65
N PHE A 835 -11.06 30.88 -8.14
CA PHE A 835 -11.41 30.91 -9.55
C PHE A 835 -11.45 32.34 -10.07
N PHE A 836 -12.11 33.24 -9.32
CA PHE A 836 -12.15 34.65 -9.67
C PHE A 836 -10.76 35.30 -9.63
N ARG A 837 -9.97 34.93 -8.62
CA ARG A 837 -8.59 35.42 -8.48
C ARG A 837 -7.72 35.12 -9.68
N TYR A 838 -7.79 33.90 -10.19
CA TYR A 838 -6.95 33.48 -11.32
C TYR A 838 -7.51 33.92 -12.66
N MET A 839 -8.80 34.26 -12.69
CA MET A 839 -9.36 34.97 -13.82
C MET A 839 -8.80 36.39 -13.87
N ALA A 840 -8.75 37.05 -12.72
CA ALA A 840 -8.25 38.43 -12.63
C ALA A 840 -6.76 38.50 -12.97
N ILE A 841 -5.97 37.59 -12.43
CA ILE A 841 -4.55 37.47 -12.77
C ILE A 841 -4.37 37.10 -14.25
N GLY A 842 -5.17 36.13 -14.73
CA GLY A 842 -5.16 35.75 -16.13
C GLY A 842 -5.48 36.90 -17.06
N GLY A 843 -6.51 37.67 -16.70
CA GLY A 843 -6.91 38.86 -17.47
C GLY A 843 -5.83 39.94 -17.43
N TYR A 844 -5.12 40.02 -16.31
CA TYR A 844 -4.00 40.94 -16.19
C TYR A 844 -2.81 40.51 -17.06
N VAL A 845 -2.41 39.25 -16.93
CA VAL A 845 -1.27 38.70 -17.69
C VAL A 845 -1.49 38.84 -19.20
N GLY A 846 -2.69 38.50 -19.67
CA GLY A 846 -3.06 38.63 -21.08
C GLY A 846 -2.89 40.04 -21.59
N ALA A 847 -3.42 41.00 -20.83
CA ALA A 847 -3.34 42.42 -21.19
C ALA A 847 -1.91 42.97 -21.07
N ALA A 848 -1.18 42.52 -20.06
CA ALA A 848 0.19 42.98 -19.82
C ALA A 848 1.16 42.56 -20.93
N THR A 849 0.96 41.36 -21.48
CA THR A 849 1.82 40.87 -22.56
C THR A 849 1.46 41.50 -23.90
N VAL A 850 0.17 41.52 -24.22
CA VAL A 850 -0.35 42.14 -25.43
C VAL A 850 0.00 43.63 -25.46
N GLY A 851 -0.16 44.27 -24.31
CA GLY A 851 0.18 45.68 -24.13
C GLY A 851 1.66 45.99 -24.29
N ALA A 852 2.51 45.08 -23.83
CA ALA A 852 3.97 45.25 -23.91
C ALA A 852 4.48 45.20 -25.35
N ALA A 853 3.93 44.29 -26.15
CA ALA A 853 4.27 44.18 -27.56
C ALA A 853 3.78 45.40 -28.33
N ALA A 854 2.51 45.75 -28.12
CA ALA A 854 1.87 46.91 -28.75
C ALA A 854 2.55 48.23 -28.37
N TRP A 855 3.02 48.32 -27.12
CA TRP A 855 3.77 49.49 -26.65
C TRP A 855 5.04 49.72 -27.47
N TRP A 856 5.77 48.63 -27.75
CA TRP A 856 6.98 48.72 -28.55
C TRP A 856 6.68 49.26 -29.95
N PHE A 857 5.62 48.72 -30.56
CA PHE A 857 5.20 49.15 -31.89
C PHE A 857 4.88 50.63 -31.95
N MET A 858 4.33 51.17 -30.86
CA MET A 858 3.81 52.54 -30.84
C MET A 858 4.63 53.53 -30.01
N TYR A 859 4.43 53.50 -28.70
CA TYR A 859 4.95 54.54 -27.80
C TYR A 859 6.43 54.42 -27.43
N ALA A 860 7.13 53.44 -28.00
CA ALA A 860 8.53 53.16 -27.66
C ALA A 860 9.53 53.92 -28.52
N GLU A 861 10.73 54.13 -27.96
CA GLU A 861 11.81 54.87 -28.63
C GLU A 861 12.37 54.12 -29.84
N ASP A 862 12.74 52.86 -29.64
CA ASP A 862 13.35 52.03 -30.69
C ASP A 862 12.34 51.62 -31.76
N GLY A 863 11.06 51.62 -31.40
CA GLY A 863 10.00 51.14 -32.28
C GLY A 863 9.56 52.14 -33.33
N PRO A 864 8.94 51.65 -34.43
CA PRO A 864 8.41 52.49 -35.49
C PRO A 864 7.16 53.24 -35.02
N GLY A 865 7.39 54.28 -34.21
CA GLY A 865 6.33 55.02 -33.53
C GLY A 865 5.05 55.27 -34.29
N VAL A 866 4.12 54.32 -34.21
CA VAL A 866 2.80 54.46 -34.80
C VAL A 866 1.72 54.63 -33.72
N THR A 867 1.83 55.74 -32.97
CA THR A 867 0.94 56.03 -31.84
C THR A 867 -0.51 56.27 -32.30
N TYR A 868 -1.42 55.51 -31.71
CA TYR A 868 -2.85 55.47 -32.09
C TYR A 868 -3.12 54.95 -33.52
N HIS A 869 -2.07 54.77 -34.30
CA HIS A 869 -2.14 53.99 -35.54
C HIS A 869 -2.34 52.55 -35.14
N GLN A 870 -3.09 51.81 -35.95
CA GLN A 870 -3.46 50.47 -35.57
C GLN A 870 -2.83 49.39 -36.43
N LEU A 871 -2.34 48.36 -35.77
CA LEU A 871 -1.94 47.11 -36.41
C LEU A 871 -3.22 46.31 -36.62
N THR A 872 -4.23 46.64 -35.83
CA THR A 872 -5.61 46.18 -36.01
C THR A 872 -6.09 46.54 -37.40
N HIS A 873 -5.84 47.78 -37.80
CA HIS A 873 -6.20 48.31 -39.12
C HIS A 873 -5.83 47.34 -40.24
N PHE A 874 -4.53 47.05 -40.36
CA PHE A 874 -4.05 46.16 -41.42
C PHE A 874 -2.75 45.41 -41.11
N MET A 875 -2.65 44.22 -41.68
CA MET A 875 -1.40 43.49 -41.80
C MET A 875 -1.34 43.01 -43.25
N GLN A 876 -1.66 43.92 -44.16
CA GLN A 876 -1.87 43.62 -45.57
C GLN A 876 -0.68 44.07 -46.42
N CYS A 877 -0.26 45.32 -46.22
CA CYS A 877 0.85 45.94 -46.97
C CYS A 877 0.57 46.06 -48.48
N THR A 878 -0.69 46.26 -48.83
CA THR A 878 -1.10 46.47 -50.22
C THR A 878 -2.03 47.69 -50.31
N GLU A 879 -1.90 48.58 -49.34
CA GLU A 879 -2.69 49.82 -49.30
C GLU A 879 -1.84 51.05 -48.97
N ASP A 880 -0.94 50.89 -48.00
CA ASP A 880 -0.01 51.96 -47.57
C ASP A 880 -0.72 53.29 -47.25
N HIS A 881 -1.64 53.23 -46.30
CA HIS A 881 -2.36 54.42 -45.84
C HIS A 881 -1.60 55.22 -44.77
N PRO A 882 -1.17 54.55 -43.66
CA PRO A 882 -0.44 55.28 -42.62
C PRO A 882 0.99 55.64 -43.03
N HIS A 883 1.67 54.74 -43.72
CA HIS A 883 3.00 54.97 -44.24
C HIS A 883 2.86 55.55 -45.65
N PHE A 884 3.23 56.83 -45.81
CA PHE A 884 2.93 57.60 -47.02
C PHE A 884 4.10 57.66 -48.03
N GLU A 885 5.30 57.29 -47.59
CA GLU A 885 6.47 57.24 -48.47
C GLU A 885 7.49 56.20 -48.00
N GLY A 886 7.89 55.32 -48.92
CA GLY A 886 8.83 54.23 -48.61
C GLY A 886 8.12 52.94 -48.23
N LEU A 887 8.75 51.81 -48.57
CA LEU A 887 8.19 50.49 -48.30
C LEU A 887 8.90 49.77 -47.15
N ASP A 888 8.14 49.47 -46.09
CA ASP A 888 8.64 48.73 -44.93
C ASP A 888 7.47 48.12 -44.16
N CYS A 889 7.42 46.80 -44.11
CA CYS A 889 6.30 46.08 -43.48
C CYS A 889 6.72 44.90 -42.60
N GLU A 890 7.95 44.42 -42.80
CA GLU A 890 8.45 43.26 -42.05
C GLU A 890 8.74 43.58 -40.58
N ILE A 891 8.59 44.84 -40.19
CA ILE A 891 8.69 45.25 -38.79
C ILE A 891 7.49 44.78 -37.96
N PHE A 892 6.39 44.46 -38.65
CA PHE A 892 5.23 43.81 -38.05
C PHE A 892 5.59 42.41 -37.54
N GLU A 893 6.74 41.93 -37.97
CA GLU A 893 7.26 40.62 -37.57
C GLU A 893 8.65 40.76 -36.94
N ALA A 894 8.84 41.85 -36.20
CA ALA A 894 10.10 42.13 -35.51
C ALA A 894 10.23 41.29 -34.23
N PRO A 895 11.48 40.92 -33.86
CA PRO A 895 11.72 40.12 -32.66
C PRO A 895 11.61 40.89 -31.33
N GLU A 896 11.73 42.22 -31.39
CA GLU A 896 11.72 43.06 -30.18
C GLU A 896 10.39 43.09 -29.39
N PRO A 897 9.24 43.24 -30.08
CA PRO A 897 7.97 43.28 -29.34
C PRO A 897 7.59 41.92 -28.72
N MET A 898 8.00 40.84 -29.37
CA MET A 898 7.83 39.50 -28.84
C MET A 898 8.72 39.30 -27.62
N THR A 899 9.89 39.92 -27.65
CA THR A 899 10.82 39.87 -26.52
C THR A 899 10.28 40.66 -25.34
N MET A 900 9.62 41.78 -25.62
CA MET A 900 8.90 42.55 -24.61
C MET A 900 7.80 41.70 -23.95
N ALA A 901 7.02 41.02 -24.79
CA ALA A 901 5.91 40.20 -24.34
C ALA A 901 6.38 39.02 -23.50
N LEU A 902 7.41 38.34 -23.97
CA LEU A 902 7.98 37.18 -23.28
C LEU A 902 8.60 37.56 -21.94
N SER A 903 9.38 38.64 -21.93
CA SER A 903 10.03 39.12 -20.72
C SER A 903 9.01 39.57 -19.68
N VAL A 904 7.84 40.02 -20.14
CA VAL A 904 6.74 40.38 -19.26
C VAL A 904 6.12 39.13 -18.65
N LEU A 905 5.81 38.16 -19.49
CA LEU A 905 5.30 36.87 -19.05
C LEU A 905 6.26 36.27 -18.03
N VAL A 906 7.53 36.10 -18.43
CA VAL A 906 8.57 35.54 -17.57
C VAL A 906 8.66 36.27 -16.22
N THR A 907 8.63 37.60 -16.24
CA THR A 907 8.72 38.39 -15.01
C THR A 907 7.48 38.26 -14.13
N ILE A 908 6.30 38.42 -14.72
CA ILE A 908 5.03 38.20 -13.98
C ILE A 908 5.00 36.83 -13.31
N GLU A 909 5.46 35.81 -14.02
CA GLU A 909 5.45 34.43 -13.51
C GLU A 909 6.41 34.19 -12.35
N MET A 910 7.50 34.94 -12.32
CA MET A 910 8.41 34.94 -11.18
C MET A 910 7.74 35.60 -9.99
N CYS A 911 6.96 36.63 -10.26
CA CYS A 911 6.17 37.31 -9.24
C CYS A 911 5.02 36.43 -8.76
N ASN A 912 4.41 35.70 -9.69
CA ASN A 912 3.24 34.89 -9.35
C ASN A 912 3.59 33.60 -8.60
N ALA A 913 4.84 33.16 -8.75
CA ALA A 913 5.38 32.07 -7.94
C ALA A 913 5.49 32.49 -6.48
N LEU A 914 5.94 33.72 -6.26
CA LEU A 914 5.96 34.30 -4.92
C LEU A 914 4.55 34.45 -4.36
N ASN A 915 3.61 34.86 -5.22
CA ASN A 915 2.19 34.88 -4.88
C ASN A 915 1.64 33.51 -4.50
N SER A 916 2.32 32.46 -4.96
CA SER A 916 1.87 31.07 -4.78
C SER A 916 2.40 30.38 -3.52
N LEU A 917 3.29 31.05 -2.78
CA LEU A 917 3.85 30.50 -1.55
C LEU A 917 2.78 30.16 -0.51
N SER A 918 1.76 31.01 -0.46
CA SER A 918 0.60 30.81 0.38
C SER A 918 -0.63 31.17 -0.42
N GLU A 919 -1.71 30.42 -0.20
CA GLU A 919 -2.98 30.69 -0.86
C GLU A 919 -3.56 32.04 -0.43
N ASN A 920 -3.61 32.28 0.89
CA ASN A 920 -4.26 33.48 1.40
C ASN A 920 -3.38 34.45 2.17
N GLN A 921 -2.22 34.01 2.64
CA GLN A 921 -1.35 34.88 3.45
C GLN A 921 -0.54 35.87 2.63
N SER A 922 -0.48 37.11 3.12
CA SER A 922 0.28 38.18 2.51
C SER A 922 1.78 37.92 2.57
N LEU A 923 2.50 38.42 1.58
CA LEU A 923 3.97 38.40 1.57
C LEU A 923 4.55 39.20 2.73
N MET A 924 3.71 40.00 3.39
CA MET A 924 4.08 40.73 4.60
C MET A 924 4.07 39.82 5.82
N ARG A 925 3.25 38.76 5.78
CA ARG A 925 3.15 37.81 6.88
C ARG A 925 3.88 36.50 6.58
N MET A 926 3.86 36.09 5.32
CA MET A 926 4.70 34.99 4.86
C MET A 926 5.62 35.49 3.74
N PRO A 927 6.85 35.88 4.10
CA PRO A 927 7.82 36.46 3.17
C PRO A 927 8.35 35.44 2.14
N PRO A 928 8.90 35.94 1.01
CA PRO A 928 9.45 35.08 -0.03
C PRO A 928 10.61 34.19 0.43
N TRP A 929 11.38 34.66 1.41
CA TRP A 929 12.55 33.91 1.87
C TRP A 929 12.24 32.72 2.77
N VAL A 930 10.95 32.46 2.97
CA VAL A 930 10.50 31.25 3.68
C VAL A 930 10.87 30.00 2.88
N ASN A 931 10.96 30.15 1.55
CA ASN A 931 11.41 29.08 0.67
C ASN A 931 12.67 29.50 -0.08
N ILE A 932 13.83 29.11 0.47
CA ILE A 932 15.14 29.45 -0.12
C ILE A 932 15.31 28.83 -1.51
N TRP A 933 14.79 27.61 -1.68
CA TRP A 933 14.79 26.94 -2.98
C TRP A 933 14.09 27.77 -4.04
N LEU A 934 12.96 28.37 -3.68
CA LEU A 934 12.18 29.17 -4.61
C LEU A 934 12.94 30.42 -5.07
N LEU A 935 13.60 31.09 -4.12
CA LEU A 935 14.44 32.24 -4.45
C LEU A 935 15.58 31.83 -5.39
N GLY A 936 16.14 30.65 -5.14
CA GLY A 936 17.21 30.10 -5.98
C GLY A 936 16.74 29.80 -7.40
N SER A 937 15.57 29.17 -7.52
CA SER A 937 15.01 28.79 -8.82
C SER A 937 14.70 30.00 -9.71
N ILE A 938 14.18 31.07 -9.10
CA ILE A 938 13.86 32.30 -9.80
C ILE A 938 15.12 32.93 -10.41
N CYS A 939 16.21 32.92 -9.65
CA CYS A 939 17.51 33.39 -10.16
C CYS A 939 17.96 32.55 -11.35
N LEU A 940 17.84 31.23 -11.22
CA LEU A 940 18.23 30.31 -12.29
C LEU A 940 17.38 30.49 -13.54
N SER A 941 16.08 30.70 -13.35
CA SER A 941 15.14 30.95 -14.46
C SER A 941 15.44 32.23 -15.23
N MET A 942 15.83 33.28 -14.51
CA MET A 942 16.16 34.56 -15.13
C MET A 942 17.44 34.49 -15.96
N SER A 943 18.45 33.81 -15.41
CA SER A 943 19.72 33.61 -16.10
C SER A 943 19.53 32.75 -17.36
N LEU A 944 18.54 31.86 -17.32
CA LEU A 944 18.17 31.05 -18.48
C LEU A 944 17.40 31.87 -19.52
N HIS A 945 16.68 32.89 -19.05
CA HIS A 945 16.00 33.84 -19.94
C HIS A 945 17.02 34.72 -20.68
N PHE A 946 18.03 35.20 -19.95
CA PHE A 946 19.13 35.94 -20.53
C PHE A 946 19.95 35.07 -21.50
N LEU A 947 20.03 33.78 -21.19
CA LEU A 947 20.74 32.80 -22.03
C LEU A 947 20.15 32.74 -23.44
N ILE A 948 18.83 32.69 -23.54
CA ILE A 948 18.15 32.63 -24.84
C ILE A 948 18.03 34.02 -25.50
N LEU A 949 18.58 35.03 -24.83
CA LEU A 949 18.62 36.39 -25.38
C LEU A 949 19.99 36.75 -25.96
N TYR A 950 21.04 36.09 -25.48
CA TYR A 950 22.41 36.46 -25.85
C TYR A 950 23.20 35.39 -26.59
N VAL A 951 23.06 34.13 -26.18
CA VAL A 951 23.88 33.04 -26.73
C VAL A 951 23.49 32.70 -28.18
N ASP A 952 24.27 33.23 -29.11
CA ASP A 952 24.04 33.26 -30.56
C ASP A 952 22.90 32.41 -31.19
N PRO A 953 23.00 31.06 -31.14
CA PRO A 953 21.97 30.29 -31.83
C PRO A 953 20.54 30.52 -31.32
N LEU A 954 20.38 30.64 -30.00
CA LEU A 954 19.06 30.70 -29.36
C LEU A 954 18.19 31.92 -29.71
N PRO A 955 18.75 33.16 -29.66
CA PRO A 955 17.97 34.34 -30.02
C PRO A 955 17.22 34.22 -31.35
N MET A 956 17.85 33.60 -32.34
CA MET A 956 17.24 33.44 -33.66
C MET A 956 16.12 32.39 -33.64
N ILE A 957 16.38 31.27 -32.97
CA ILE A 957 15.43 30.16 -32.86
C ILE A 957 14.11 30.61 -32.21
N PHE A 958 14.24 31.35 -31.10
CA PHE A 958 13.08 31.82 -30.34
C PHE A 958 12.54 33.16 -30.86
N LYS A 959 13.15 33.67 -31.95
CA LYS A 959 12.80 34.96 -32.55
C LYS A 959 12.85 36.12 -31.54
N LEU A 960 13.99 36.24 -30.87
CA LEU A 960 14.18 37.25 -29.84
C LEU A 960 15.45 38.08 -30.05
N LYS A 961 15.49 39.27 -29.46
CA LYS A 961 16.70 40.10 -29.40
C LYS A 961 16.77 40.86 -28.09
N ALA A 962 17.97 40.93 -27.52
CA ALA A 962 18.22 41.52 -26.20
C ALA A 962 17.59 42.89 -26.01
N LEU A 963 16.90 43.06 -24.89
CA LEU A 963 16.23 44.31 -24.56
C LEU A 963 17.19 45.37 -24.04
N ASP A 964 16.83 46.63 -24.25
CA ASP A 964 17.56 47.77 -23.73
C ASP A 964 17.29 47.91 -22.23
N LEU A 965 18.12 48.69 -21.55
CA LEU A 965 17.94 49.01 -20.14
C LEU A 965 16.59 49.69 -19.91
N THR A 966 16.23 50.59 -20.83
CA THR A 966 14.95 51.31 -20.80
C THR A 966 13.78 50.35 -20.99
N GLN A 967 13.94 49.41 -21.93
CA GLN A 967 12.90 48.43 -22.24
C GLN A 967 12.68 47.42 -21.10
N TRP A 968 13.75 47.09 -20.38
CA TRP A 968 13.67 46.26 -19.19
C TRP A 968 12.95 46.93 -18.03
N LEU A 969 13.06 48.26 -17.96
CA LEU A 969 12.36 49.04 -16.94
C LEU A 969 10.85 49.09 -17.18
N MET A 970 10.45 49.10 -18.46
CA MET A 970 9.04 48.98 -18.83
C MET A 970 8.49 47.59 -18.49
N VAL A 971 9.30 46.56 -18.70
CA VAL A 971 8.95 45.20 -18.30
C VAL A 971 8.59 45.18 -16.82
N LEU A 972 9.47 45.75 -15.99
CA LEU A 972 9.28 45.81 -14.54
C LEU A 972 8.08 46.67 -14.13
N LYS A 973 7.82 47.74 -14.89
CA LYS A 973 6.68 48.62 -14.62
C LYS A 973 5.35 47.90 -14.78
N ILE A 974 5.24 47.07 -15.81
CA ILE A 974 3.98 46.40 -16.11
C ILE A 974 3.81 45.04 -15.40
N SER A 975 4.94 44.47 -14.96
CA SER A 975 4.93 43.13 -14.34
C SER A 975 4.72 43.16 -12.83
N LEU A 976 5.55 43.93 -12.13
CA LEU A 976 5.56 43.97 -10.66
C LEU A 976 4.20 44.19 -9.98
N PRO A 977 3.33 45.04 -10.57
CA PRO A 977 2.01 45.26 -9.94
C PRO A 977 1.08 44.05 -9.89
N VAL A 978 1.50 42.90 -10.42
CA VAL A 978 0.71 41.67 -10.25
C VAL A 978 0.75 41.23 -8.78
N ILE A 979 1.86 41.52 -8.11
CA ILE A 979 2.00 41.29 -6.67
C ILE A 979 0.93 42.08 -5.92
N GLY A 980 0.82 43.38 -6.25
CA GLY A 980 -0.19 44.26 -5.68
C GLY A 980 -1.61 43.77 -5.87
N LEU A 981 -1.92 43.30 -7.08
CA LEU A 981 -3.24 42.79 -7.42
C LEU A 981 -3.65 41.58 -6.59
N ASP A 982 -2.75 40.61 -6.50
CA ASP A 982 -3.02 39.37 -5.75
C ASP A 982 -3.07 39.66 -4.25
N GLU A 983 -2.20 40.57 -3.81
CA GLU A 983 -2.18 41.01 -2.41
C GLU A 983 -3.54 41.54 -1.99
N ILE A 984 -4.15 42.36 -2.88
CA ILE A 984 -5.49 42.90 -2.65
C ILE A 984 -6.53 41.78 -2.58
N LEU A 985 -6.48 40.89 -3.57
CA LEU A 985 -7.40 39.74 -3.62
C LEU A 985 -7.23 38.78 -2.44
N LYS A 986 -6.00 38.68 -1.92
CA LYS A 986 -5.73 37.91 -0.71
C LYS A 986 -6.32 38.59 0.53
N PHE A 987 -6.27 39.91 0.55
CA PHE A 987 -6.84 40.70 1.64
C PHE A 987 -8.34 40.49 1.75
N ILE A 988 -9.02 40.43 0.61
CA ILE A 988 -10.48 40.26 0.56
C ILE A 988 -10.90 38.86 1.03
N ALA A 989 -10.12 37.85 0.66
CA ALA A 989 -10.40 36.46 1.03
C ALA A 989 -10.29 36.22 2.54
N ARG A 990 -9.32 36.88 3.17
CA ARG A 990 -9.07 36.71 4.60
C ARG A 990 -10.10 37.40 5.48
N ASN A 991 -10.49 38.62 5.10
CA ASN A 991 -11.35 39.44 5.95
C ASN A 991 -12.84 39.32 5.65
N TYR A 992 -13.21 39.19 4.37
CA TYR A 992 -14.62 39.24 3.98
C TYR A 992 -15.19 37.89 3.53
N LEU A 993 -14.49 36.80 3.85
CA LEU A 993 -14.97 35.45 3.60
C LEU A 993 -14.65 34.50 4.76
N GLU A 994 -15.29 34.76 5.90
CA GLU A 994 -15.14 33.95 7.11
C GLU A 994 -15.82 32.59 6.96
N GLY A 995 -15.28 31.58 7.63
CA GLY A 995 -15.80 30.21 7.55
C GLY A 995 -17.06 29.98 8.37
NA NA B . -4.52 -1.31 -3.34
C34 TG1 C . -12.65 22.43 -12.09
C11 TG1 C . -11.72 22.58 -13.30
C7 TG1 C . -11.33 24.03 -13.63
C8 TG1 C . -10.25 24.65 -12.74
C9 TG1 C . -10.14 26.19 -12.86
C10 TG1 C . -9.83 26.84 -14.21
C1 TG1 C . -10.87 26.52 -15.30
C2 TG1 C . -10.71 27.44 -16.51
O1 TG1 C . -11.84 28.31 -16.67
C13 TG1 C . -11.46 29.69 -17.00
O2 TG1 C . -10.31 29.97 -17.27
C14 TG1 C . -12.52 30.76 -17.03
C15 TG1 C . -13.20 30.79 -18.39
C16 TG1 C . -12.67 31.93 -19.26
C17 TG1 C . -11.99 31.40 -20.50
C18 TG1 C . -11.01 32.43 -21.08
C19 TG1 C . -11.21 32.62 -22.57
C20 TG1 C . -10.33 33.73 -23.10
C3 TG1 C . -10.51 26.56 -17.74
O3 TG1 C . -9.23 26.87 -18.29
C21 TG1 C . -9.33 27.35 -19.64
O4 TG1 C . -10.21 28.49 -19.69
C22 TG1 C . -7.99 27.73 -20.23
C23 TG1 C . -8.04 28.42 -21.57
C24 TG1 C . -6.77 27.52 -19.70
C25 TG1 C . -6.46 26.86 -18.37
C4 TG1 C . -10.51 25.17 -17.19
C26 TG1 C . -10.24 23.99 -18.08
C5 TG1 C . -10.75 25.13 -15.88
C6 TG1 C . -10.90 23.85 -15.08
O5 TG1 C . -11.88 22.95 -15.63
C12 TG1 C . -12.43 22.14 -14.58
O12 TG1 C . -12.18 20.76 -14.84
C31 TG1 C . -8.40 26.57 -14.67
O9 TG1 C . -10.02 28.25 -14.02
C32 TG1 C . -9.12 29.19 -13.37
O10 TG1 C . -8.17 28.77 -12.72
C33 TG1 C . -9.42 30.66 -13.52
O7 TG1 C . -8.97 24.03 -12.92
C27 TG1 C . -8.51 23.30 -11.73
O8 TG1 C . -9.21 23.25 -10.74
C28 TG1 C . -7.18 22.59 -11.76
C29 TG1 C . -7.39 21.18 -12.27
C30 TG1 C . -6.19 20.31 -11.96
O6 TG1 C . -12.52 24.82 -13.56
O11 TG1 C . -10.57 21.76 -13.11
PG 128 D . -0.55 -12.64 12.20
O1G 128 D . -0.37 -13.22 10.86
O2G 128 D . 0.78 -12.27 12.76
O3G 128 D . -1.41 -11.38 12.08
PB 128 D . -1.88 -13.31 14.63
O1B 128 D . -1.17 -12.12 15.19
O2B 128 D . -3.33 -13.04 14.60
O3B 128 D . -1.29 -13.73 13.18
PA 128 D . -2.23 -15.95 15.38
O1A 128 D . -3.02 -16.01 14.13
O2A 128 D . -1.12 -16.93 15.29
O3A 128 D . -1.62 -14.49 15.63
O5' 128 D . -3.14 -16.28 16.58
C5' 128 D . -2.81 -16.20 17.97
C4' 128 D . -3.10 -17.40 18.83
O4' 128 D . -4.51 -17.58 18.95
C3' 128 D . -2.65 -18.69 18.36
O3' 128 D . -1.94 -19.27 19.47
C2' 128 D . -3.88 -19.59 18.16
O2' 128 D . -3.72 -20.91 18.73
C1' 128 D . -5.13 -18.81 18.66
N9 128 D . -6.16 -18.59 17.46
C8 128 D . -5.99 -17.78 16.37
N7 128 D . -7.04 -17.85 15.56
C5 128 D . -7.89 -18.69 16.13
C6 128 D . -9.20 -19.13 15.69
N6 128 D . -9.70 -18.66 14.54
N1 128 D . -9.93 -20.05 16.47
C2 128 D . -9.35 -20.49 17.65
N3 128 D . -8.13 -20.07 18.05
C4 128 D . -7.35 -19.17 17.33
C1F 128 D . -2.46 -20.66 19.54
C2F 128 D . -1.54 -21.74 19.03
C3F 128 D . -0.95 -22.65 19.88
C4F 128 D . -1.12 -22.69 21.24
C5F 128 D . -1.96 -21.74 21.80
C6F 128 D . -2.67 -20.70 21.03
N2F 128 D . -1.21 -21.89 17.61
N4F 128 D . -0.56 -23.55 22.08
N6F 128 D . -3.48 -19.85 21.81
O2F 128 D . -1.61 -21.22 16.68
O3F 128 D . -0.47 -22.77 17.21
O4F 128 D . -1.09 -24.57 22.45
O5F 128 D . 0.53 -23.33 22.51
O6F 128 D . -3.57 -19.99 23.02
O7F 128 D . -4.14 -18.94 21.46
C1 PTY E . 7.47 13.32 -19.84
C2 PTY E . 1.20 11.34 -19.35
C3 PTY E . 1.58 10.95 -17.92
O4 PTY E . 7.42 14.75 -19.80
C5 PTY E . 5.62 12.63 -18.29
C6 PTY E . 7.13 12.71 -18.47
O7 PTY E . 7.70 13.51 -17.42
C8 PTY E . 8.63 12.77 -16.58
O10 PTY E . 8.19 11.95 -15.79
C11 PTY E . 10.10 13.06 -16.68
C30 PTY E . 7.71 15.54 -20.99
C31 PTY E . 9.05 16.19 -21.15
O30 PTY E . 6.83 15.66 -21.84
P1 PTY E . 4.12 10.74 -17.17
O11 PTY E . 2.80 11.60 -17.55
O12 PTY E . 3.94 10.20 -15.77
O13 PTY E . 4.40 9.78 -18.30
O14 PTY E . 5.30 11.85 -17.14
N1 PTY E . 0.90 12.77 -19.40
C1 PTY F . -1.13 43.23 3.72
C2 PTY F . -6.52 41.71 10.29
C3 PTY F . -6.07 41.21 8.93
O4 PTY F . -1.48 44.49 3.18
C5 PTY F . -3.00 43.17 5.39
C6 PTY F . -1.48 43.13 5.21
O7 PTY F . -0.87 44.18 5.96
C8 PTY F . 0.25 43.77 6.81
O10 PTY F . 0.18 42.71 7.43
C11 PTY F . 1.44 44.67 6.92
C30 PTY F . -1.80 44.67 1.76
C31 PTY F . -0.74 45.19 0.84
O30 PTY F . -2.92 44.39 1.37
P1 PTY F . -4.05 41.61 7.28
O11 PTY F . -5.12 42.11 8.37
O12 PTY F . -2.99 40.79 7.99
O13 PTY F . -4.83 40.98 6.14
O14 PTY F . -3.36 42.98 6.76
N1 PTY F . -7.18 43.00 10.13
C1 PTY G . -18.84 40.68 -33.34
C2 PTY G . -12.28 42.51 -35.69
C3 PTY G . -13.19 43.70 -35.42
O4 PTY G . -19.97 39.96 -33.84
C5 PTY G . -17.72 42.50 -34.63
C6 PTY G . -18.94 42.14 -33.78
O7 PTY G . -19.05 42.98 -32.63
C8 PTY G . -20.43 43.32 -32.29
O10 PTY G . -21.06 44.04 -33.05
C11 PTY G . -21.04 42.77 -31.03
C30 PTY G . -20.70 39.02 -32.99
C31 PTY G . -20.52 37.54 -33.21
O30 PTY G . -21.43 39.47 -32.13
P1 PTY G . -15.67 44.22 -34.63
O11 PTY G . -14.39 43.24 -34.81
O12 PTY G . -15.28 45.31 -33.66
O13 PTY G . -16.17 44.59 -36.00
O14 PTY G . -16.76 43.27 -33.89
N1 PTY G . -10.92 42.83 -35.27
#